data_5IWX
#
_entry.id   5IWX
#
_cell.length_a   56.964
_cell.length_b   89.295
_cell.length_c   84.708
_cell.angle_alpha   90.00
_cell.angle_beta   100.85
_cell.angle_gamma   90.00
#
_symmetry.space_group_name_H-M   'P 1 21 1'
#
loop_
_entity.id
_entity.type
_entity.pdbx_description
1 polymer '2-C-methyl-D-erythritol 2,4-cyclodiphosphate synthase'
2 non-polymer 'MAGNESIUM ION'
3 water water
#
_entity_poly.entity_id   1
_entity_poly.type   'polypeptide(L)'
_entity_poly.pdbx_seq_one_letter_code
;MFRIGQGFDVHQLVEGRPLIIGGIEIPYEKGLLGHSDADVLLHTVADACLGAVGEGDIGKHFPDTDPEFKDADSFKLLQH
VWGIVKQKGYVLGNIDCTIIAQKPKMLPYIEDMRKRIAEGLEADVSQVNVKATTTEKLGFTGRAEGIAAQATVLIQKG
;
_entity_poly.pdbx_strand_id   A,B,C,D,E,F
#
# COMPACT_ATOMS: atom_id res chain seq x y z
N MET A 1 14.17 20.23 15.66
CA MET A 1 14.36 20.52 14.22
C MET A 1 13.16 19.93 13.41
N PHE A 2 12.80 20.75 12.46
CA PHE A 2 11.79 20.54 11.49
C PHE A 2 12.53 20.74 10.14
N ARG A 3 12.11 20.03 9.09
CA ARG A 3 12.61 20.25 7.76
C ARG A 3 11.41 20.28 6.84
N ILE A 4 11.54 21.05 5.80
CA ILE A 4 10.51 21.20 4.77
C ILE A 4 10.90 20.56 3.45
N GLY A 5 9.91 20.08 2.69
CA GLY A 5 10.17 19.54 1.38
C GLY A 5 9.00 19.76 0.49
N GLN A 6 9.23 19.80 -0.80
CA GLN A 6 8.21 20.11 -1.78
C GLN A 6 8.37 19.25 -2.94
N GLY A 7 7.26 18.77 -3.52
CA GLY A 7 7.29 17.96 -4.70
C GLY A 7 6.25 18.44 -5.68
N PHE A 8 6.50 18.22 -6.96
CA PHE A 8 5.62 18.64 -8.05
C PHE A 8 5.80 17.64 -9.20
N ASP A 9 4.73 17.17 -9.82
CA ASP A 9 4.87 16.20 -10.95
C ASP A 9 3.66 16.33 -11.80
N VAL A 10 3.83 15.97 -13.08
CA VAL A 10 2.72 15.93 -14.04
C VAL A 10 2.90 14.69 -14.92
N HIS A 11 1.83 13.94 -15.14
CA HIS A 11 1.83 12.79 -16.04
C HIS A 11 0.63 12.86 -16.99
N GLN A 12 0.83 12.35 -18.22
CA GLN A 12 -0.20 12.35 -19.30
C GLN A 12 -1.24 11.26 -19.06
N LEU A 13 -2.51 11.58 -19.29
CA LEU A 13 -3.55 10.58 -19.28
C LEU A 13 -3.53 9.99 -20.68
N VAL A 14 -3.51 8.67 -20.78
CA VAL A 14 -3.47 7.96 -22.08
C VAL A 14 -4.34 6.73 -22.00
N GLU A 15 -4.71 6.22 -23.18
CA GLU A 15 -5.69 5.14 -23.29
C GLU A 15 -5.11 3.81 -22.84
N GLY A 16 -5.94 3.02 -22.14
CA GLY A 16 -5.60 1.65 -21.77
C GLY A 16 -4.41 1.48 -20.84
N ARG A 17 -4.46 2.21 -19.73
CA ARG A 17 -3.50 2.02 -18.64
C ARG A 17 -4.31 2.21 -17.38
N PRO A 18 -3.97 1.52 -16.28
CA PRO A 18 -4.72 1.78 -15.07
C PRO A 18 -4.43 3.19 -14.53
N LEU A 19 -5.40 3.74 -13.81
CA LEU A 19 -5.25 5.00 -13.12
C LEU A 19 -5.03 4.64 -11.67
N ILE A 20 -3.79 4.81 -11.24
CA ILE A 20 -3.41 4.61 -9.86
C ILE A 20 -2.94 5.96 -9.32
N ILE A 21 -3.65 6.47 -8.31
CA ILE A 21 -3.35 7.74 -7.69
C ILE A 21 -3.45 7.60 -6.20
N GLY A 22 -2.37 7.98 -5.51
CA GLY A 22 -2.30 7.89 -4.08
C GLY A 22 -2.36 6.47 -3.57
N GLY A 23 -1.86 5.56 -4.39
CA GLY A 23 -1.89 4.14 -4.10
C GLY A 23 -3.21 3.43 -4.37
N ILE A 24 -4.18 4.14 -4.96
CA ILE A 24 -5.52 3.63 -5.08
C ILE A 24 -5.82 3.50 -6.56
N GLU A 25 -6.41 2.36 -6.90
CA GLU A 25 -6.81 2.12 -8.28
C GLU A 25 -8.22 2.68 -8.49
N ILE A 26 -8.32 3.62 -9.42
CA ILE A 26 -9.55 4.32 -9.76
C ILE A 26 -9.97 3.80 -11.14
N PRO A 27 -11.22 3.30 -11.24
CA PRO A 27 -11.84 2.97 -12.53
C PRO A 27 -11.93 4.15 -13.49
N TYR A 28 -11.29 4.03 -14.65
CA TYR A 28 -11.35 5.08 -15.65
C TYR A 28 -10.84 4.57 -17.00
N GLU A 29 -11.22 5.31 -18.05
CA GLU A 29 -10.96 4.96 -19.45
C GLU A 29 -9.46 5.01 -19.75
N LYS A 30 -8.81 5.95 -19.06
CA LYS A 30 -7.41 6.26 -19.23
C LYS A 30 -6.63 6.07 -17.91
N GLY A 31 -5.32 5.92 -18.06
CA GLY A 31 -4.39 5.89 -16.95
C GLY A 31 -3.27 6.84 -17.24
N LEU A 32 -2.37 6.96 -16.28
CA LEU A 32 -1.27 7.86 -16.42
C LEU A 32 -0.12 7.15 -17.08
N LEU A 33 0.60 7.87 -17.93
CA LEU A 33 1.71 7.33 -18.67
C LEU A 33 3.01 7.51 -17.93
N GLY A 34 3.79 6.43 -17.84
CA GLY A 34 5.15 6.45 -17.30
C GLY A 34 5.76 5.05 -17.37
N HIS A 35 7.04 4.93 -17.03
CA HIS A 35 7.73 3.64 -16.81
C HIS A 35 7.22 2.78 -15.64
N SER A 36 6.92 3.43 -14.51
CA SER A 36 6.39 2.76 -13.31
C SER A 36 4.88 2.71 -13.45
N ASP A 37 4.17 2.40 -12.36
CA ASP A 37 2.71 2.61 -12.36
C ASP A 37 2.29 4.11 -12.61
N ALA A 38 3.24 5.02 -12.63
CA ALA A 38 3.02 6.44 -12.95
C ALA A 38 2.06 7.17 -11.93
N ASP A 39 2.02 6.71 -10.70
CA ASP A 39 1.23 7.32 -9.65
C ASP A 39 1.78 8.70 -9.34
N VAL A 40 1.22 9.70 -10.01
CA VAL A 40 1.74 11.06 -9.95
C VAL A 40 1.75 11.62 -8.51
N LEU A 41 0.72 11.29 -7.74
CA LEU A 41 0.61 11.74 -6.35
C LEU A 41 1.66 11.10 -5.43
N LEU A 42 1.84 9.79 -5.47
CA LEU A 42 2.88 9.17 -4.67
C LEU A 42 4.30 9.56 -5.10
N HIS A 43 4.49 9.83 -6.38
CA HIS A 43 5.75 10.38 -6.85
C HIS A 43 6.03 11.73 -6.24
N THR A 44 5.03 12.59 -6.14
CA THR A 44 5.26 13.89 -5.53
C THR A 44 5.46 13.82 -4.04
N VAL A 45 4.73 12.93 -3.36
CA VAL A 45 4.96 12.72 -1.91
C VAL A 45 6.41 12.23 -1.70
N ALA A 46 6.86 11.26 -2.51
CA ALA A 46 8.21 10.73 -2.38
C ALA A 46 9.26 11.82 -2.58
N ASP A 47 9.07 12.64 -3.62
CA ASP A 47 9.94 13.75 -3.91
C ASP A 47 10.00 14.80 -2.79
N ALA A 48 8.85 15.15 -2.21
CA ALA A 48 8.83 16.08 -1.09
C ALA A 48 9.67 15.54 0.09
N CYS A 49 9.48 14.24 0.40
CA CYS A 49 10.22 13.58 1.49
C CYS A 49 11.75 13.57 1.25
N LEU A 50 12.17 13.16 0.05
CA LEU A 50 13.58 13.19 -0.28
C LEU A 50 14.14 14.59 -0.26
N GLY A 51 13.36 15.55 -0.74
CA GLY A 51 13.73 16.97 -0.71
C GLY A 51 13.93 17.50 0.69
N ALA A 52 13.14 17.01 1.64
CA ALA A 52 13.25 17.51 2.99
C ALA A 52 14.57 17.06 3.63
N VAL A 53 15.12 15.92 3.23
CA VAL A 53 16.35 15.40 3.82
C VAL A 53 17.57 15.61 2.93
N GLY A 54 17.46 16.40 1.86
CA GLY A 54 18.57 16.66 0.96
C GLY A 54 19.07 15.47 0.17
N GLU A 55 18.20 14.54 -0.21
CA GLU A 55 18.59 13.35 -0.93
C GLU A 55 18.12 13.32 -2.40
N GLY A 56 17.98 14.49 -3.03
CA GLY A 56 17.66 14.53 -4.45
C GLY A 56 16.18 14.40 -4.82
N ASP A 57 15.88 13.46 -5.72
CA ASP A 57 14.50 13.19 -6.16
C ASP A 57 14.40 11.71 -6.51
N ILE A 58 13.22 11.26 -6.91
CA ILE A 58 13.03 9.84 -7.10
C ILE A 58 13.93 9.30 -8.21
N GLY A 59 14.21 10.12 -9.23
CA GLY A 59 15.14 9.80 -10.31
C GLY A 59 16.56 9.46 -9.90
N LYS A 60 17.06 10.10 -8.84
CA LYS A 60 18.35 9.73 -8.28
C LYS A 60 18.30 8.32 -7.70
N HIS A 61 17.22 7.93 -7.04
CA HIS A 61 17.18 6.61 -6.40
C HIS A 61 16.61 5.50 -7.26
N PHE A 62 15.72 5.84 -8.18
CA PHE A 62 15.04 4.88 -9.07
C PHE A 62 15.02 5.48 -10.45
N PRO A 63 16.18 5.45 -11.13
CA PRO A 63 16.15 6.05 -12.46
C PRO A 63 15.14 5.33 -13.38
N ASP A 64 14.63 6.04 -14.38
CA ASP A 64 13.79 5.47 -15.47
C ASP A 64 14.38 4.22 -16.10
N THR A 65 15.70 4.18 -16.16
CA THR A 65 16.45 3.17 -16.89
C THR A 65 16.72 1.97 -16.00
N ASP A 66 16.25 1.98 -14.78
CA ASP A 66 16.50 0.89 -13.85
C ASP A 66 15.39 -0.11 -14.08
N PRO A 67 15.71 -1.40 -14.36
CA PRO A 67 14.66 -2.36 -14.71
C PRO A 67 13.65 -2.65 -13.60
N GLU A 68 13.98 -2.29 -12.37
CA GLU A 68 13.05 -2.43 -11.27
C GLU A 68 12.10 -1.25 -11.13
N PHE A 69 12.37 -0.14 -11.82
CA PHE A 69 11.41 0.98 -11.95
C PHE A 69 10.29 0.65 -12.93
N LYS A 70 10.54 -0.27 -13.86
CA LYS A 70 9.50 -0.65 -14.83
C LYS A 70 8.31 -1.27 -14.13
N ASP A 71 7.14 -0.67 -14.37
CA ASP A 71 5.91 -1.01 -13.67
C ASP A 71 6.07 -1.07 -12.15
N ALA A 72 6.97 -0.30 -11.54
CA ALA A 72 7.12 -0.41 -10.09
C ALA A 72 5.86 0.14 -9.39
N ASP A 73 5.58 -0.46 -8.25
CA ASP A 73 4.52 -0.05 -7.37
C ASP A 73 5.03 1.18 -6.61
N SER A 74 4.42 2.34 -6.83
CA SER A 74 4.96 3.61 -6.30
C SER A 74 4.81 3.70 -4.80
N PHE A 75 3.93 2.87 -4.22
CA PHE A 75 3.83 2.78 -2.77
C PHE A 75 5.08 2.12 -2.19
N LYS A 76 5.59 1.09 -2.85
CA LYS A 76 6.85 0.46 -2.38
C LYS A 76 8.03 1.44 -2.47
N LEU A 77 8.08 2.21 -3.56
CA LEU A 77 9.04 3.27 -3.74
C LEU A 77 8.92 4.29 -2.60
N LEU A 78 7.70 4.71 -2.27
CA LEU A 78 7.51 5.59 -1.12
C LEU A 78 8.04 4.96 0.16
N GLN A 79 7.78 3.68 0.39
CA GLN A 79 8.31 3.09 1.63
C GLN A 79 9.84 3.10 1.73
N HIS A 80 10.50 2.86 0.59
CA HIS A 80 11.96 2.95 0.49
C HIS A 80 12.41 4.36 0.86
N VAL A 81 11.76 5.36 0.28
CA VAL A 81 12.11 6.76 0.59
C VAL A 81 11.94 7.06 2.07
N TRP A 82 10.82 6.59 2.62
CA TRP A 82 10.56 6.83 4.04
C TRP A 82 11.61 6.17 4.91
N GLY A 83 12.12 5.01 4.51
CA GLY A 83 13.27 4.41 5.24
C GLY A 83 14.48 5.33 5.28
N ILE A 84 14.69 6.08 4.20
CA ILE A 84 15.75 7.07 4.16
C ILE A 84 15.52 8.18 5.16
N VAL A 85 14.28 8.65 5.26
CA VAL A 85 13.93 9.73 6.18
C VAL A 85 14.10 9.23 7.62
N LYS A 86 13.66 8.01 7.89
CA LYS A 86 13.75 7.40 9.21
C LYS A 86 15.18 7.16 9.68
N GLN A 87 16.07 6.76 8.78
CA GLN A 87 17.49 6.65 9.12
C GLN A 87 18.19 7.96 9.51
N LYS A 88 17.67 9.10 9.04
CA LYS A 88 18.18 10.40 9.46
C LYS A 88 17.59 10.89 10.74
N GLY A 89 16.67 10.15 11.33
CA GLY A 89 16.11 10.49 12.64
C GLY A 89 14.77 11.23 12.63
N TYR A 90 14.09 11.32 11.47
CA TYR A 90 12.84 12.05 11.33
C TYR A 90 11.62 11.19 11.32
N VAL A 91 10.49 11.78 11.73
CA VAL A 91 9.16 11.25 11.54
C VAL A 91 8.30 12.36 10.90
N LEU A 92 7.08 12.03 10.54
CA LEU A 92 6.24 12.99 9.84
C LEU A 92 5.74 14.01 10.86
N GLY A 93 5.78 15.29 10.50
CA GLY A 93 5.01 16.36 11.14
C GLY A 93 3.62 16.36 10.51
N ASN A 94 3.52 16.86 9.29
CA ASN A 94 2.32 16.69 8.49
C ASN A 94 2.61 16.92 7.02
N ILE A 95 1.69 16.50 6.17
CA ILE A 95 1.82 16.65 4.75
C ILE A 95 0.51 17.12 4.20
N ASP A 96 0.61 18.02 3.23
CA ASP A 96 -0.55 18.57 2.51
C ASP A 96 -0.30 18.42 1.02
N CYS A 97 -1.23 17.80 0.32
CA CYS A 97 -1.08 17.38 -1.06
C CYS A 97 -2.25 17.92 -1.85
N THR A 98 -2.03 18.13 -3.15
CA THR A 98 -3.07 18.59 -4.06
C THR A 98 -2.95 17.77 -5.33
N ILE A 99 -4.08 17.25 -5.82
CA ILE A 99 -4.17 16.62 -7.12
C ILE A 99 -4.87 17.67 -8.01
N ILE A 100 -4.23 18.08 -9.10
CA ILE A 100 -4.87 18.95 -10.10
C ILE A 100 -5.26 18.14 -11.33
N ALA A 101 -6.55 17.93 -11.55
CA ALA A 101 -7.03 17.10 -12.64
C ALA A 101 -8.40 17.57 -13.13
N GLN A 102 -8.56 17.74 -14.43
CA GLN A 102 -9.87 18.16 -14.97
C GLN A 102 -10.87 17.05 -14.75
N LYS A 103 -10.49 15.82 -15.10
CA LYS A 103 -11.27 14.60 -14.77
C LYS A 103 -10.28 13.47 -14.45
N PRO A 104 -10.67 12.36 -13.80
CA PRO A 104 -11.99 12.14 -13.21
C PRO A 104 -12.13 12.80 -11.86
N LYS A 105 -13.29 12.60 -11.24
CA LYS A 105 -13.64 13.17 -9.94
C LYS A 105 -12.96 12.39 -8.80
N MET A 106 -12.01 13.03 -8.13
CA MET A 106 -11.20 12.32 -7.13
C MET A 106 -11.92 12.05 -5.81
N LEU A 107 -13.02 12.77 -5.57
CA LEU A 107 -13.58 12.91 -4.22
C LEU A 107 -13.98 11.61 -3.53
N PRO A 108 -14.50 10.60 -4.26
CA PRO A 108 -14.82 9.35 -3.60
C PRO A 108 -13.63 8.51 -3.12
N TYR A 109 -12.42 8.78 -3.63
CA TYR A 109 -11.21 8.01 -3.29
C TYR A 109 -10.22 8.72 -2.34
N ILE A 110 -10.43 10.02 -2.12
CA ILE A 110 -9.57 10.86 -1.29
C ILE A 110 -9.22 10.21 0.05
N GLU A 111 -10.24 9.68 0.74
CA GLU A 111 -10.07 9.24 2.10
C GLU A 111 -9.18 8.02 2.09
N ASP A 112 -9.29 7.23 1.05
CA ASP A 112 -8.45 6.05 0.89
C ASP A 112 -6.99 6.40 0.53
N MET A 113 -6.80 7.48 -0.22
CA MET A 113 -5.46 7.93 -0.57
C MET A 113 -4.80 8.45 0.68
N ARG A 114 -5.54 9.19 1.50
CA ARG A 114 -5.04 9.65 2.80
C ARG A 114 -4.61 8.54 3.72
N LYS A 115 -5.44 7.52 3.86
CA LYS A 115 -5.05 6.35 4.65
C LYS A 115 -3.82 5.66 4.08
N ARG A 116 -3.74 5.50 2.75
CA ARG A 116 -2.57 4.85 2.13
C ARG A 116 -1.29 5.66 2.35
N ILE A 117 -1.38 6.97 2.14
CA ILE A 117 -0.21 7.80 2.33
C ILE A 117 0.19 7.78 3.78
N ALA A 118 -0.78 7.87 4.70
CA ALA A 118 -0.48 7.76 6.12
C ALA A 118 0.26 6.48 6.46
N GLU A 119 -0.18 5.39 5.84
CA GLU A 119 0.45 4.08 6.07
C GLU A 119 1.87 4.11 5.59
N GLY A 120 2.11 4.74 4.44
CA GLY A 120 3.46 4.82 3.87
C GLY A 120 4.43 5.69 4.65
N LEU A 121 3.87 6.71 5.33
CA LEU A 121 4.64 7.61 6.14
C LEU A 121 4.62 7.26 7.62
N GLU A 122 4.07 6.07 7.95
CA GLU A 122 3.94 5.54 9.32
C GLU A 122 3.30 6.54 10.27
N ALA A 123 2.26 7.19 9.78
CA ALA A 123 1.64 8.30 10.51
C ALA A 123 0.14 8.05 10.68
N ASP A 124 -0.49 8.89 11.49
CA ASP A 124 -1.96 8.99 11.54
C ASP A 124 -2.55 9.72 10.34
N VAL A 125 -3.73 9.27 9.91
CA VAL A 125 -4.50 9.93 8.90
C VAL A 125 -4.71 11.45 9.15
N SER A 126 -4.77 11.89 10.40
CA SER A 126 -4.94 13.29 10.71
C SER A 126 -3.74 14.17 10.29
N GLN A 127 -2.61 13.54 10.01
CA GLN A 127 -1.39 14.22 9.59
C GLN A 127 -1.27 14.37 8.09
N VAL A 128 -2.22 13.80 7.34
CA VAL A 128 -2.17 13.75 5.93
C VAL A 128 -3.41 14.44 5.40
N ASN A 129 -3.19 15.39 4.51
CA ASN A 129 -4.28 16.03 3.81
C ASN A 129 -4.08 15.90 2.32
N VAL A 130 -5.16 15.57 1.61
CA VAL A 130 -5.13 15.44 0.19
C VAL A 130 -6.36 16.17 -0.33
N LYS A 131 -6.15 17.12 -1.22
CA LYS A 131 -7.25 17.78 -1.87
C LYS A 131 -7.12 17.66 -3.34
N ALA A 132 -8.26 17.76 -4.01
CA ALA A 132 -8.38 17.57 -5.44
C ALA A 132 -8.96 18.83 -6.00
N THR A 133 -8.32 19.46 -6.98
CA THR A 133 -8.92 20.61 -7.69
C THR A 133 -8.84 20.51 -9.23
N THR A 134 -9.88 20.97 -9.92
CA THR A 134 -9.86 21.08 -11.41
C THR A 134 -9.19 22.40 -11.78
N THR A 135 -8.88 22.58 -13.07
CA THR A 135 -8.10 23.75 -13.53
C THR A 135 -8.97 24.87 -14.18
N GLU A 136 -10.30 24.72 -14.12
CA GLU A 136 -11.27 25.59 -14.84
C GLU A 136 -11.00 25.66 -16.36
N LYS A 137 -10.75 24.47 -16.94
CA LYS A 137 -10.52 24.28 -18.38
C LYS A 137 -9.22 24.92 -18.93
N LEU A 138 -8.32 25.42 -18.04
CA LEU A 138 -7.11 26.19 -18.42
C LEU A 138 -5.78 25.41 -18.29
N GLY A 139 -4.96 25.46 -19.34
CA GLY A 139 -3.63 24.83 -19.35
C GLY A 139 -3.64 23.41 -19.88
N PHE A 140 -2.52 22.71 -19.68
CA PHE A 140 -2.38 21.30 -20.09
C PHE A 140 -3.25 20.33 -19.28
N THR A 141 -3.39 20.58 -17.97
CA THR A 141 -4.29 19.80 -17.10
C THR A 141 -5.77 20.18 -17.32
N GLY A 142 -6.04 21.45 -17.60
CA GLY A 142 -7.38 21.95 -17.90
C GLY A 142 -8.00 21.40 -19.18
N ARG A 143 -7.13 21.05 -20.14
CA ARG A 143 -7.53 20.40 -21.40
C ARG A 143 -7.24 18.88 -21.37
N ALA A 144 -7.59 18.23 -20.25
CA ALA A 144 -7.47 16.77 -19.99
C ALA A 144 -6.28 16.08 -20.73
N GLU A 145 -5.08 16.65 -20.64
CA GLU A 145 -3.92 16.03 -21.27
C GLU A 145 -3.28 15.18 -20.16
N GLY A 146 -3.43 15.60 -18.89
CA GLY A 146 -2.78 14.91 -17.76
C GLY A 146 -3.38 15.06 -16.37
N ILE A 147 -2.60 14.63 -15.37
CA ILE A 147 -2.89 14.89 -13.97
C ILE A 147 -1.60 15.42 -13.34
N ALA A 148 -1.74 16.52 -12.58
CA ALA A 148 -0.62 17.15 -11.86
C ALA A 148 -0.84 16.96 -10.39
N ALA A 149 0.24 17.03 -9.61
CA ALA A 149 0.09 16.98 -8.17
C ALA A 149 1.20 17.76 -7.55
N GLN A 150 0.94 18.25 -6.35
CA GLN A 150 1.99 18.91 -5.57
C GLN A 150 1.87 18.46 -4.14
N ALA A 151 2.97 18.51 -3.42
CA ALA A 151 2.95 18.08 -2.01
C ALA A 151 3.96 18.88 -1.26
N THR A 152 3.61 19.27 -0.04
CA THR A 152 4.53 19.98 0.84
C THR A 152 4.53 19.21 2.14
N VAL A 153 5.72 18.88 2.63
CA VAL A 153 5.85 18.04 3.81
C VAL A 153 6.69 18.79 4.84
N LEU A 154 6.27 18.67 6.07
CA LEU A 154 7.02 19.03 7.23
C LEU A 154 7.36 17.78 8.02
N ILE A 155 8.65 17.53 8.22
CA ILE A 155 9.10 16.41 9.01
C ILE A 155 9.76 16.95 10.27
N GLN A 156 9.78 16.13 11.32
CA GLN A 156 10.42 16.52 12.61
C GLN A 156 11.23 15.41 13.21
N LYS A 157 12.21 15.78 14.04
CA LYS A 157 12.96 14.79 14.82
C LYS A 157 12.08 13.89 15.64
N GLY A 158 12.34 12.60 15.64
CA GLY A 158 11.40 11.66 16.23
C GLY A 158 12.01 10.34 16.63
N MET B 1 11.07 29.39 16.92
CA MET B 1 10.29 29.92 15.80
C MET B 1 10.95 29.44 14.52
N PHE B 2 10.07 29.13 13.61
CA PHE B 2 10.43 28.80 12.26
C PHE B 2 9.58 29.74 11.41
N ARG B 3 10.06 30.04 10.21
CA ARG B 3 9.20 30.72 9.24
C ARG B 3 9.40 30.01 7.91
N ILE B 4 8.36 30.04 7.10
CA ILE B 4 8.32 29.43 5.80
C ILE B 4 8.32 30.51 4.69
N GLY B 5 8.98 30.23 3.58
CA GLY B 5 8.86 31.02 2.35
C GLY B 5 8.77 30.17 1.10
N GLN B 6 8.27 30.77 0.04
CA GLN B 6 8.12 30.07 -1.27
C GLN B 6 8.46 31.03 -2.38
N GLY B 7 9.18 30.55 -3.38
CA GLY B 7 9.40 31.42 -4.51
C GLY B 7 9.16 30.70 -5.78
N PHE B 8 8.75 31.46 -6.79
CA PHE B 8 8.48 30.91 -8.11
C PHE B 8 8.84 31.97 -9.12
N ASP B 9 9.65 31.60 -10.13
CA ASP B 9 9.98 32.52 -11.21
C ASP B 9 10.07 31.76 -12.56
N VAL B 10 9.83 32.52 -13.65
CA VAL B 10 10.08 32.08 -15.03
C VAL B 10 10.87 33.16 -15.79
N HIS B 11 11.92 32.75 -16.50
CA HIS B 11 12.71 33.60 -17.42
C HIS B 11 12.71 33.07 -18.89
N GLN B 12 12.57 33.99 -19.85
CA GLN B 12 12.56 33.64 -21.29
C GLN B 12 13.93 33.21 -21.79
N LEU B 13 13.98 32.13 -22.58
CA LEU B 13 15.22 31.70 -23.26
C LEU B 13 15.46 32.51 -24.56
N VAL B 14 16.71 32.91 -24.81
CA VAL B 14 17.08 33.73 -25.98
C VAL B 14 18.56 33.56 -26.36
N GLU B 15 18.87 33.77 -27.64
CA GLU B 15 20.21 33.54 -28.19
C GLU B 15 21.19 34.60 -27.67
N GLY B 16 22.47 34.28 -27.61
CA GLY B 16 23.55 35.27 -27.38
C GLY B 16 23.97 35.59 -25.96
N ARG B 17 23.01 35.49 -25.03
CA ARG B 17 23.26 35.65 -23.59
C ARG B 17 23.67 34.30 -22.99
N PRO B 18 24.56 34.30 -21.98
CA PRO B 18 24.99 33.05 -21.34
C PRO B 18 23.95 32.45 -20.38
N LEU B 19 24.01 31.14 -20.16
CA LEU B 19 23.09 30.45 -19.26
C LEU B 19 23.73 30.28 -17.90
N ILE B 20 23.16 30.97 -16.89
CA ILE B 20 23.64 30.90 -15.50
C ILE B 20 22.46 30.50 -14.59
N ILE B 21 22.67 29.43 -13.81
CA ILE B 21 21.62 28.82 -13.01
C ILE B 21 22.25 28.31 -11.72
N GLY B 22 21.69 28.78 -10.60
CA GLY B 22 22.19 28.40 -9.29
C GLY B 22 23.62 28.81 -9.10
N GLY B 23 24.00 29.92 -9.73
CA GLY B 23 25.35 30.43 -9.61
C GLY B 23 26.41 29.72 -10.42
N ILE B 24 26.01 28.92 -11.41
CA ILE B 24 26.95 28.06 -12.19
C ILE B 24 26.75 28.35 -13.67
N GLU B 25 27.82 28.62 -14.42
CA GLU B 25 27.68 28.92 -15.86
C GLU B 25 27.56 27.62 -16.63
N ILE B 26 26.49 27.47 -17.40
CA ILE B 26 26.25 26.22 -18.10
C ILE B 26 26.42 26.46 -19.61
N PRO B 27 27.32 25.69 -20.27
CA PRO B 27 27.46 25.73 -21.74
C PRO B 27 26.14 25.50 -22.48
N TYR B 28 25.66 26.54 -23.15
CA TYR B 28 24.42 26.46 -23.92
C TYR B 28 24.29 27.63 -24.89
N GLU B 29 23.57 27.41 -25.99
CA GLU B 29 23.42 28.39 -27.09
C GLU B 29 22.49 29.56 -26.75
N LYS B 30 21.67 29.37 -25.72
CA LYS B 30 20.72 30.36 -25.28
C LYS B 30 20.84 30.57 -23.78
N GLY B 31 20.93 31.84 -23.37
CA GLY B 31 20.80 32.24 -21.96
C GLY B 31 19.38 32.63 -21.62
N LEU B 32 19.18 33.08 -20.38
CA LEU B 32 17.87 33.54 -19.92
C LEU B 32 17.79 35.07 -20.04
N LEU B 33 16.63 35.57 -20.40
CA LEU B 33 16.48 37.03 -20.60
C LEU B 33 16.14 37.74 -19.29
N GLY B 34 16.87 38.80 -19.00
CA GLY B 34 16.78 39.49 -17.73
C GLY B 34 17.74 40.65 -17.65
N HIS B 35 17.46 41.57 -16.72
CA HIS B 35 18.24 42.79 -16.60
C HIS B 35 19.48 42.56 -15.77
N SER B 36 19.42 41.61 -14.83
CA SER B 36 20.60 41.15 -14.11
C SER B 36 21.13 39.96 -14.92
N ASP B 37 21.97 39.10 -14.33
CA ASP B 37 22.37 37.84 -15.01
C ASP B 37 21.18 36.87 -15.28
N ALA B 38 20.06 37.14 -14.66
CA ALA B 38 18.84 36.38 -14.88
C ALA B 38 18.79 34.96 -14.37
N ASP B 39 19.64 34.62 -13.41
CA ASP B 39 19.71 33.30 -12.78
C ASP B 39 18.34 33.17 -12.16
N VAL B 40 17.53 32.28 -12.68
CA VAL B 40 16.12 32.17 -12.31
C VAL B 40 16.07 31.35 -11.00
N LEU B 41 17.05 30.46 -10.81
CA LEU B 41 17.09 29.62 -9.59
C LEU B 41 17.50 30.49 -8.41
N LEU B 42 18.60 31.22 -8.54
CA LEU B 42 19.00 32.13 -7.45
C LEU B 42 17.96 33.21 -7.20
N HIS B 43 17.21 33.67 -8.20
CA HIS B 43 16.12 34.62 -7.92
C HIS B 43 14.98 34.05 -7.10
N THR B 44 14.72 32.78 -7.34
CA THR B 44 13.65 32.06 -6.66
C THR B 44 14.03 31.79 -5.24
N VAL B 45 15.31 31.49 -5.02
CA VAL B 45 15.84 31.24 -3.69
C VAL B 45 15.75 32.55 -2.87
N ALA B 46 16.18 33.64 -3.48
CA ALA B 46 16.12 34.94 -2.85
C ALA B 46 14.71 35.34 -2.50
N ASP B 47 13.79 35.19 -3.44
CA ASP B 47 12.37 35.46 -3.17
C ASP B 47 11.76 34.60 -2.07
N ALA B 48 12.16 33.33 -1.99
CA ALA B 48 11.64 32.48 -0.92
C ALA B 48 12.15 33.04 0.45
N CYS B 49 13.43 33.41 0.49
CA CYS B 49 14.02 33.98 1.73
C CYS B 49 13.37 35.30 2.11
N LEU B 50 13.14 36.17 1.14
CA LEU B 50 12.46 37.44 1.41
C LEU B 50 11.04 37.24 1.93
N GLY B 51 10.35 36.28 1.31
CA GLY B 51 8.98 35.97 1.67
C GLY B 51 8.85 35.38 3.05
N ALA B 52 9.82 34.55 3.48
CA ALA B 52 9.80 33.92 4.83
C ALA B 52 9.86 35.00 5.92
N VAL B 53 10.56 36.11 5.63
CA VAL B 53 10.67 37.21 6.63
C VAL B 53 9.75 38.40 6.39
N GLY B 54 8.83 38.29 5.43
CA GLY B 54 7.84 39.32 5.21
C GLY B 54 8.36 40.57 4.52
N GLU B 55 9.40 40.45 3.68
CA GLU B 55 10.02 41.60 3.04
C GLU B 55 9.78 41.68 1.52
N GLY B 56 8.58 41.27 1.08
CA GLY B 56 8.16 41.39 -0.32
C GLY B 56 8.86 40.42 -1.27
N ASP B 57 9.63 40.96 -2.21
CA ASP B 57 10.37 40.15 -3.18
C ASP B 57 11.55 40.93 -3.78
N ILE B 58 12.31 40.29 -4.66
CA ILE B 58 13.51 40.92 -5.18
C ILE B 58 13.24 42.12 -6.06
N GLY B 59 12.06 42.18 -6.69
CA GLY B 59 11.61 43.40 -7.35
C GLY B 59 11.58 44.62 -6.44
N LYS B 60 11.25 44.42 -5.16
CA LYS B 60 11.16 45.50 -4.20
C LYS B 60 12.54 45.97 -3.75
N HIS B 61 13.54 45.08 -3.74
CA HIS B 61 14.86 45.43 -3.23
C HIS B 61 15.91 45.69 -4.30
N PHE B 62 15.77 45.05 -5.45
CA PHE B 62 16.64 45.27 -6.58
C PHE B 62 15.73 45.45 -7.81
N PRO B 63 15.08 46.63 -7.96
CA PRO B 63 14.16 46.84 -9.10
C PRO B 63 14.88 46.68 -10.45
N ASP B 64 14.18 46.19 -11.46
CA ASP B 64 14.67 46.12 -12.87
C ASP B 64 15.10 47.46 -13.47
N THR B 65 14.50 48.52 -12.96
CA THR B 65 14.68 49.87 -13.46
C THR B 65 15.92 50.53 -12.85
N ASP B 66 16.53 49.89 -11.85
CA ASP B 66 17.63 50.50 -11.12
C ASP B 66 18.92 50.13 -11.87
N PRO B 67 19.59 51.13 -12.50
CA PRO B 67 20.80 50.79 -13.28
C PRO B 67 21.89 50.06 -12.48
N GLU B 68 21.92 50.24 -11.16
CA GLU B 68 22.82 49.50 -10.25
C GLU B 68 22.74 47.98 -10.37
N PHE B 69 21.57 47.49 -10.79
CA PHE B 69 21.36 46.07 -10.88
C PHE B 69 21.21 45.62 -12.33
N LYS B 70 21.90 46.33 -13.24
CA LYS B 70 22.11 45.92 -14.63
C LYS B 70 23.28 44.95 -14.62
N ASP B 71 23.08 43.77 -15.19
CA ASP B 71 24.11 42.70 -15.23
C ASP B 71 24.58 42.26 -13.83
N ALA B 72 23.72 42.44 -12.82
CA ALA B 72 24.09 42.12 -11.44
C ALA B 72 24.32 40.64 -11.31
N ASP B 73 25.33 40.30 -10.54
CA ASP B 73 25.64 38.94 -10.20
C ASP B 73 24.61 38.48 -9.15
N SER B 74 23.79 37.49 -9.52
CA SER B 74 22.67 37.09 -8.67
C SER B 74 23.08 36.37 -7.38
N PHE B 75 24.30 35.85 -7.33
CA PHE B 75 24.88 35.33 -6.10
C PHE B 75 25.16 36.47 -5.11
N LYS B 76 25.64 37.61 -5.62
CA LYS B 76 25.84 38.81 -4.78
C LYS B 76 24.51 39.32 -4.26
N LEU B 77 23.49 39.31 -5.10
CA LEU B 77 22.17 39.70 -4.68
C LEU B 77 21.56 38.74 -3.62
N LEU B 78 21.73 37.43 -3.82
CA LEU B 78 21.35 36.47 -2.78
C LEU B 78 22.05 36.77 -1.44
N GLN B 79 23.38 37.03 -1.44
CA GLN B 79 24.14 37.42 -0.22
C GLN B 79 23.56 38.64 0.53
N HIS B 80 23.11 39.62 -0.21
CA HIS B 80 22.48 40.78 0.37
C HIS B 80 21.11 40.43 0.99
N VAL B 81 20.28 39.68 0.27
CA VAL B 81 19.02 39.14 0.82
C VAL B 81 19.26 38.35 2.08
N TRP B 82 20.25 37.47 2.06
CA TRP B 82 20.57 36.72 3.26
C TRP B 82 21.01 37.62 4.46
N GLY B 83 21.59 38.79 4.17
CA GLY B 83 21.87 39.81 5.20
C GLY B 83 20.62 40.34 5.90
N ILE B 84 19.59 40.58 5.11
CA ILE B 84 18.25 40.93 5.59
C ILE B 84 17.68 39.84 6.51
N VAL B 85 17.82 38.56 6.11
CA VAL B 85 17.29 37.45 6.93
C VAL B 85 18.07 37.40 8.25
N LYS B 86 19.39 37.44 8.19
CA LYS B 86 20.24 37.36 9.42
C LYS B 86 19.95 38.50 10.40
N GLN B 87 19.77 39.70 9.88
CA GLN B 87 19.39 40.86 10.67
C GLN B 87 18.06 40.67 11.46
N LYS B 88 17.12 39.87 10.93
CA LYS B 88 15.93 39.47 11.68
C LYS B 88 16.12 38.36 12.71
N GLY B 89 17.33 37.81 12.86
CA GLY B 89 17.62 36.75 13.84
C GLY B 89 17.48 35.32 13.39
N TYR B 90 17.43 35.09 12.07
CA TYR B 90 17.18 33.77 11.49
C TYR B 90 18.43 33.25 10.79
N VAL B 91 18.57 31.92 10.81
CA VAL B 91 19.51 31.17 10.01
C VAL B 91 18.72 30.16 9.16
N LEU B 92 19.41 29.47 8.26
CA LEU B 92 18.77 28.42 7.43
C LEU B 92 18.38 27.21 8.26
N GLY B 93 17.14 26.78 8.07
CA GLY B 93 16.73 25.44 8.44
C GLY B 93 17.13 24.54 7.29
N ASN B 94 16.30 24.54 6.23
CA ASN B 94 16.63 23.88 5.00
C ASN B 94 15.85 24.48 3.86
N ILE B 95 16.33 24.23 2.66
CA ILE B 95 15.67 24.69 1.44
C ILE B 95 15.59 23.50 0.47
N ASP B 96 14.49 23.46 -0.30
CA ASP B 96 14.24 22.47 -1.37
C ASP B 96 13.81 23.24 -2.61
N CYS B 97 14.56 23.05 -3.69
CA CYS B 97 14.41 23.79 -4.95
C CYS B 97 14.26 22.86 -6.13
N THR B 98 13.51 23.33 -7.13
CA THR B 98 13.31 22.65 -8.41
C THR B 98 13.57 23.56 -9.60
N ILE B 99 14.40 23.08 -10.53
CA ILE B 99 14.58 23.71 -11.85
C ILE B 99 13.64 23.01 -12.83
N ILE B 100 12.82 23.78 -13.56
CA ILE B 100 11.97 23.24 -14.62
C ILE B 100 12.50 23.76 -15.96
N ALA B 101 12.98 22.84 -16.80
CA ALA B 101 13.69 23.16 -18.04
C ALA B 101 13.71 21.96 -18.96
N GLN B 102 13.41 22.17 -20.23
CA GLN B 102 13.49 21.06 -21.17
C GLN B 102 14.96 20.78 -21.56
N LYS B 103 15.77 21.83 -21.70
CA LYS B 103 17.19 21.69 -22.03
C LYS B 103 17.99 22.92 -21.52
N PRO B 104 19.28 22.80 -21.20
CA PRO B 104 20.09 21.57 -21.27
C PRO B 104 19.82 20.62 -20.13
N LYS B 105 20.57 19.52 -20.12
CA LYS B 105 20.53 18.57 -19.02
C LYS B 105 21.26 19.20 -17.80
N MET B 106 20.58 19.25 -16.64
CA MET B 106 21.11 19.93 -15.44
C MET B 106 21.95 19.04 -14.55
N LEU B 107 21.70 17.73 -14.61
CA LEU B 107 22.33 16.74 -13.71
C LEU B 107 23.83 16.97 -13.49
N PRO B 108 24.64 17.11 -14.58
CA PRO B 108 26.07 17.33 -14.29
C PRO B 108 26.43 18.64 -13.50
N TYR B 109 25.50 19.59 -13.34
CA TYR B 109 25.78 20.85 -12.61
C TYR B 109 25.09 21.01 -11.24
N ILE B 110 24.19 20.07 -10.92
CA ILE B 110 23.33 20.12 -9.72
C ILE B 110 24.17 20.22 -8.46
N GLU B 111 25.23 19.40 -8.34
CA GLU B 111 26.03 19.38 -7.11
C GLU B 111 26.78 20.68 -6.83
N ASP B 112 27.20 21.38 -7.88
CA ASP B 112 27.82 22.69 -7.70
C ASP B 112 26.80 23.81 -7.44
N MET B 113 25.58 23.68 -7.98
CA MET B 113 24.50 24.58 -7.59
C MET B 113 24.23 24.50 -6.08
N ARG B 114 24.17 23.28 -5.54
CA ARG B 114 23.89 23.08 -4.12
C ARG B 114 24.98 23.73 -3.26
N LYS B 115 26.25 23.52 -3.62
CA LYS B 115 27.38 24.17 -2.92
C LYS B 115 27.23 25.65 -2.98
N ARG B 116 26.87 26.17 -4.15
CA ARG B 116 26.75 27.63 -4.33
C ARG B 116 25.59 28.26 -3.53
N ILE B 117 24.44 27.60 -3.57
CA ILE B 117 23.32 28.03 -2.78
C ILE B 117 23.69 27.96 -1.29
N ALA B 118 24.31 26.87 -0.85
CA ALA B 118 24.70 26.72 0.57
C ALA B 118 25.59 27.88 1.01
N GLU B 119 26.58 28.19 0.16
CA GLU B 119 27.51 29.30 0.40
C GLU B 119 26.76 30.60 0.58
N GLY B 120 25.83 30.89 -0.32
CA GLY B 120 25.01 32.10 -0.27
C GLY B 120 24.08 32.22 0.93
N LEU B 121 23.69 31.07 1.50
CA LEU B 121 22.85 31.03 2.68
C LEU B 121 23.66 30.67 3.92
N GLU B 122 24.99 30.58 3.81
CA GLU B 122 25.90 30.27 4.93
C GLU B 122 25.53 28.99 5.64
N ALA B 123 25.23 27.95 4.89
CA ALA B 123 24.74 26.74 5.47
C ALA B 123 25.61 25.60 5.00
N ASP B 124 25.37 24.42 5.52
CA ASP B 124 26.01 23.21 4.98
C ASP B 124 25.21 22.75 3.77
N VAL B 125 25.89 22.11 2.84
CA VAL B 125 25.25 21.55 1.67
C VAL B 125 24.15 20.54 2.01
N SER B 126 24.25 19.87 3.15
CA SER B 126 23.21 18.95 3.58
C SER B 126 21.86 19.67 3.87
N GLN B 127 21.84 21.01 3.91
CA GLN B 127 20.65 21.78 4.17
C GLN B 127 19.98 22.26 2.89
N VAL B 128 20.58 21.97 1.72
CA VAL B 128 20.13 22.46 0.44
C VAL B 128 19.83 21.30 -0.47
N ASN B 129 18.65 21.28 -1.07
CA ASN B 129 18.32 20.27 -2.07
C ASN B 129 17.94 20.94 -3.36
N VAL B 130 18.50 20.49 -4.49
CA VAL B 130 18.16 20.97 -5.83
C VAL B 130 17.80 19.77 -6.69
N LYS B 131 16.66 19.83 -7.35
CA LYS B 131 16.30 18.84 -8.37
C LYS B 131 15.95 19.52 -9.67
N ALA B 132 16.04 18.76 -10.78
CA ALA B 132 15.56 19.24 -12.10
C ALA B 132 14.50 18.34 -12.69
N THR B 133 13.57 18.94 -13.44
CA THR B 133 12.66 18.24 -14.37
C THR B 133 12.48 18.99 -15.71
N THR B 134 11.91 18.32 -16.71
CA THR B 134 11.66 18.89 -18.07
C THR B 134 10.17 19.04 -18.42
N THR B 135 9.44 17.91 -18.31
CA THR B 135 7.99 17.76 -18.62
C THR B 135 7.77 17.82 -20.14
N ALA B 144 9.61 24.93 -26.20
CA ALA B 144 10.28 25.11 -24.91
C ALA B 144 10.78 26.57 -24.69
N GLU B 145 9.87 27.49 -24.36
CA GLU B 145 10.17 28.96 -24.43
C GLU B 145 10.91 29.59 -23.25
N GLY B 146 10.92 28.94 -22.08
CA GLY B 146 11.64 29.42 -20.88
C GLY B 146 12.16 28.34 -19.91
N ILE B 147 12.83 28.81 -18.84
CA ILE B 147 13.23 27.98 -17.69
C ILE B 147 12.59 28.60 -16.45
N ALA B 148 11.92 27.76 -15.66
CA ALA B 148 11.30 28.12 -14.41
C ALA B 148 12.05 27.49 -13.22
N ALA B 149 11.73 27.98 -12.01
CA ALA B 149 12.22 27.41 -10.77
C ALA B 149 11.25 27.65 -9.66
N GLN B 150 11.21 26.73 -8.71
CA GLN B 150 10.43 26.89 -7.49
C GLN B 150 11.33 26.57 -6.28
N ALA B 151 11.13 27.27 -5.16
CA ALA B 151 11.88 26.97 -3.94
C ALA B 151 10.98 27.16 -2.74
N THR B 152 11.18 26.31 -1.74
CA THR B 152 10.50 26.43 -0.50
C THR B 152 11.57 26.39 0.57
N VAL B 153 11.49 27.34 1.50
CA VAL B 153 12.54 27.51 2.51
C VAL B 153 11.94 27.49 3.89
N LEU B 154 12.64 26.85 4.82
CA LEU B 154 12.30 26.94 6.21
C LEU B 154 13.50 27.56 6.91
N ILE B 155 13.28 28.69 7.55
CA ILE B 155 14.29 29.38 8.35
C ILE B 155 13.94 29.24 9.82
N GLN B 156 14.95 29.40 10.68
CA GLN B 156 14.81 29.23 12.13
C GLN B 156 15.62 30.24 12.90
N LYS B 157 15.18 30.56 14.11
CA LYS B 157 15.92 31.47 14.97
C LYS B 157 17.28 30.92 15.25
N GLY B 158 18.26 31.78 15.19
CA GLY B 158 19.61 31.31 15.41
C GLY B 158 20.54 32.47 15.26
N MET C 1 4.90 22.63 18.28
CA MET C 1 4.19 21.93 17.13
C MET C 1 3.68 22.92 16.11
N PHE C 2 4.19 22.67 14.93
CA PHE C 2 3.99 23.46 13.76
C PHE C 2 3.38 22.55 12.72
N ARG C 3 2.61 23.13 11.82
CA ARG C 3 2.04 22.41 10.71
C ARG C 3 2.14 23.30 9.48
N ILE C 4 2.37 22.68 8.36
CA ILE C 4 2.47 23.29 7.07
C ILE C 4 1.20 23.03 6.22
N GLY C 5 0.89 23.99 5.38
CA GLY C 5 -0.17 23.88 4.39
C GLY C 5 0.22 24.59 3.12
N GLN C 6 -0.41 24.20 2.03
CA GLN C 6 -0.09 24.76 0.72
C GLN C 6 -1.38 24.87 -0.08
N GLY C 7 -1.52 25.96 -0.80
CA GLY C 7 -2.69 26.18 -1.63
C GLY C 7 -2.28 26.58 -3.03
N PHE C 8 -3.06 26.14 -4.01
CA PHE C 8 -2.85 26.49 -5.40
C PHE C 8 -4.21 26.61 -6.05
N ASP C 9 -4.44 27.73 -6.73
CA ASP C 9 -5.70 27.96 -7.46
C ASP C 9 -5.48 28.82 -8.72
N VAL C 10 -6.42 28.72 -9.64
CA VAL C 10 -6.37 29.47 -10.89
C VAL C 10 -7.81 29.72 -11.33
N HIS C 11 -8.11 30.99 -11.64
CA HIS C 11 -9.43 31.37 -12.18
C HIS C 11 -9.30 32.07 -13.53
N GLN C 12 -10.31 31.82 -14.38
CA GLN C 12 -10.39 32.44 -15.71
C GLN C 12 -10.79 33.91 -15.58
N LEU C 13 -10.13 34.74 -16.38
CA LEU C 13 -10.49 36.12 -16.51
C LEU C 13 -11.58 36.26 -17.60
N VAL C 14 -12.65 37.00 -17.30
CA VAL C 14 -13.74 37.28 -18.25
C VAL C 14 -14.15 38.75 -18.22
N GLU C 15 -14.75 39.17 -19.33
CA GLU C 15 -15.45 40.45 -19.40
C GLU C 15 -16.64 40.41 -18.45
N GLY C 16 -16.91 41.52 -17.78
CA GLY C 16 -18.14 41.67 -17.01
C GLY C 16 -18.26 41.02 -15.63
N ARG C 17 -17.16 41.04 -14.89
CA ARG C 17 -17.16 40.74 -13.46
C ARG C 17 -16.21 41.68 -12.74
N PRO C 18 -16.43 41.87 -11.44
CA PRO C 18 -15.40 42.60 -10.71
C PRO C 18 -14.15 41.75 -10.51
N LEU C 19 -13.00 42.42 -10.44
CA LEU C 19 -11.74 41.83 -10.01
C LEU C 19 -11.59 42.06 -8.51
N ILE C 20 -11.68 40.96 -7.76
CA ILE C 20 -11.47 40.98 -6.31
C ILE C 20 -10.32 39.99 -5.99
N ILE C 21 -9.22 40.51 -5.45
CA ILE C 21 -8.05 39.68 -5.16
C ILE C 21 -7.50 40.07 -3.83
N GLY C 22 -7.33 39.07 -2.96
CA GLY C 22 -6.83 39.30 -1.64
C GLY C 22 -7.84 40.10 -0.82
N GLY C 23 -9.11 40.00 -1.16
CA GLY C 23 -10.12 40.84 -0.49
C GLY C 23 -10.16 42.30 -1.00
N ILE C 24 -9.28 42.66 -1.95
CA ILE C 24 -9.24 44.03 -2.47
C ILE C 24 -9.89 44.12 -3.89
N GLU C 25 -10.72 45.15 -4.05
CA GLU C 25 -11.37 45.46 -5.33
C GLU C 25 -10.35 46.16 -6.21
N ILE C 26 -10.09 45.62 -7.39
CA ILE C 26 -9.15 46.24 -8.30
C ILE C 26 -9.96 46.78 -9.47
N PRO C 27 -9.93 48.13 -9.68
CA PRO C 27 -10.69 48.65 -10.83
C PRO C 27 -10.01 48.13 -12.08
N TYR C 28 -10.76 47.35 -12.86
CA TYR C 28 -10.25 46.73 -14.06
C TYR C 28 -11.41 46.22 -14.89
N GLU C 29 -11.24 46.21 -16.20
CA GLU C 29 -12.32 45.87 -17.15
C GLU C 29 -12.58 44.36 -17.31
N LYS C 30 -11.80 43.53 -16.61
CA LYS C 30 -12.10 42.10 -16.46
C LYS C 30 -11.98 41.67 -15.02
N GLY C 31 -12.62 40.56 -14.73
CA GLY C 31 -12.68 39.99 -13.39
C GLY C 31 -12.71 38.49 -13.46
N LEU C 32 -12.80 37.84 -12.30
CA LEU C 32 -12.57 36.41 -12.24
C LEU C 32 -13.85 35.64 -12.20
N LEU C 33 -13.91 34.57 -12.98
CA LEU C 33 -15.11 33.76 -13.10
C LEU C 33 -15.16 32.66 -12.05
N GLY C 34 -16.26 32.61 -11.30
CA GLY C 34 -16.51 31.51 -10.38
C GLY C 34 -17.87 31.62 -9.70
N HIS C 35 -18.27 30.50 -9.08
CA HIS C 35 -19.47 30.42 -8.24
C HIS C 35 -19.51 31.55 -7.18
N SER C 36 -18.40 31.74 -6.43
CA SER C 36 -18.27 32.82 -5.43
C SER C 36 -17.74 34.08 -6.14
N ASP C 37 -17.27 35.06 -5.38
CA ASP C 37 -16.55 36.19 -5.96
C ASP C 37 -15.22 35.83 -6.70
N ALA C 38 -14.84 34.57 -6.69
CA ALA C 38 -13.72 34.08 -7.49
C ALA C 38 -12.34 34.57 -7.03
N ASP C 39 -12.27 35.05 -5.78
CA ASP C 39 -11.05 35.65 -5.25
C ASP C 39 -9.97 34.56 -5.17
N VAL C 40 -9.18 34.47 -6.21
CA VAL C 40 -8.22 33.36 -6.35
C VAL C 40 -7.21 33.33 -5.17
N LEU C 41 -6.78 34.49 -4.68
CA LEU C 41 -5.77 34.56 -3.63
C LEU C 41 -6.34 34.16 -2.29
N LEU C 42 -7.52 34.66 -1.94
CA LEU C 42 -8.16 34.20 -0.71
C LEU C 42 -8.60 32.73 -0.72
N HIS C 43 -8.90 32.18 -1.89
CA HIS C 43 -9.17 30.77 -2.00
C HIS C 43 -7.92 29.92 -1.69
N THR C 44 -6.77 30.37 -2.14
CA THR C 44 -5.52 29.61 -1.89
C THR C 44 -5.03 29.77 -0.47
N VAL C 45 -5.21 30.96 0.12
CA VAL C 45 -4.93 31.15 1.54
C VAL C 45 -5.83 30.20 2.32
N ALA C 46 -7.11 30.15 1.99
CA ALA C 46 -8.04 29.34 2.74
C ALA C 46 -7.71 27.85 2.59
N ASP C 47 -7.41 27.42 1.35
CA ASP C 47 -6.96 26.05 1.13
C ASP C 47 -5.68 25.67 1.87
N ALA C 48 -4.73 26.58 1.90
CA ALA C 48 -3.49 26.37 2.67
C ALA C 48 -3.82 26.14 4.15
N CYS C 49 -4.70 26.99 4.71
CA CYS C 49 -5.08 26.84 6.12
C CYS C 49 -5.80 25.52 6.39
N LEU C 50 -6.79 25.19 5.56
CA LEU C 50 -7.48 23.96 5.72
C LEU C 50 -6.54 22.75 5.57
N GLY C 51 -5.61 22.85 4.63
CA GLY C 51 -4.60 21.81 4.38
C GLY C 51 -3.73 21.54 5.59
N ALA C 52 -3.36 22.61 6.27
CA ALA C 52 -2.49 22.55 7.42
C ALA C 52 -3.08 21.84 8.57
N VAL C 53 -4.41 21.85 8.73
CA VAL C 53 -5.08 21.13 9.81
C VAL C 53 -5.78 19.81 9.40
N GLY C 54 -5.57 19.36 8.17
CA GLY C 54 -6.12 18.14 7.68
C GLY C 54 -7.63 18.16 7.44
N GLU C 55 -8.17 19.31 7.02
CA GLU C 55 -9.62 19.49 6.86
C GLU C 55 -10.06 19.71 5.41
N GLY C 56 -9.26 19.20 4.47
CA GLY C 56 -9.64 19.10 3.08
C GLY C 56 -9.31 20.34 2.27
N ASP C 57 -10.35 20.89 1.66
CA ASP C 57 -10.28 22.13 0.90
C ASP C 57 -11.64 22.86 0.90
N ILE C 58 -11.64 24.05 0.30
CA ILE C 58 -12.84 24.86 0.27
C ILE C 58 -14.01 24.14 -0.44
N GLY C 59 -13.71 23.42 -1.52
CA GLY C 59 -14.68 22.51 -2.17
C GLY C 59 -15.47 21.60 -1.24
N LYS C 60 -14.82 21.09 -0.21
CA LYS C 60 -15.48 20.22 0.77
C LYS C 60 -16.44 21.04 1.61
N HIS C 61 -15.98 22.21 2.08
CA HIS C 61 -16.77 23.04 2.98
C HIS C 61 -17.81 23.95 2.26
N PHE C 62 -17.47 24.45 1.06
CA PHE C 62 -18.29 25.37 0.30
C PHE C 62 -18.37 24.93 -1.16
N PRO C 63 -19.10 23.82 -1.42
CA PRO C 63 -19.14 23.27 -2.80
C PRO C 63 -19.83 24.17 -3.87
N ASP C 64 -19.43 24.00 -5.13
CA ASP C 64 -20.02 24.77 -6.25
C ASP C 64 -21.51 24.44 -6.45
N THR C 65 -21.89 23.20 -6.12
CA THR C 65 -23.27 22.74 -6.23
C THR C 65 -24.25 23.43 -5.26
N ASP C 66 -23.88 23.45 -3.99
CA ASP C 66 -24.72 24.08 -2.97
C ASP C 66 -24.92 25.54 -3.36
N PRO C 67 -26.16 25.93 -3.66
CA PRO C 67 -26.46 27.24 -4.22
C PRO C 67 -26.31 28.41 -3.25
N GLU C 68 -26.20 28.15 -1.94
CA GLU C 68 -26.12 29.22 -0.91
C GLU C 68 -24.78 29.99 -0.89
N PHE C 69 -23.74 29.43 -1.51
CA PHE C 69 -22.44 30.08 -1.60
C PHE C 69 -22.26 30.88 -2.87
N LYS C 70 -23.31 30.95 -3.72
CA LYS C 70 -23.32 31.78 -4.93
C LYS C 70 -22.94 33.21 -4.56
N ASP C 71 -21.97 33.77 -5.30
CA ASP C 71 -21.41 35.11 -5.01
C ASP C 71 -20.95 35.32 -3.54
N ALA C 72 -20.54 34.27 -2.84
CA ALA C 72 -20.13 34.43 -1.45
C ALA C 72 -18.87 35.30 -1.39
N ASP C 73 -18.75 36.02 -0.28
CA ASP C 73 -17.59 36.84 0.02
C ASP C 73 -16.45 35.89 0.49
N SER C 74 -15.37 35.78 -0.29
CA SER C 74 -14.22 34.89 0.04
C SER C 74 -13.50 35.28 1.35
N PHE C 75 -13.62 36.54 1.78
CA PHE C 75 -13.11 36.95 3.09
C PHE C 75 -13.89 36.32 4.20
N LYS C 76 -15.20 36.17 3.98
CA LYS C 76 -16.04 35.58 4.96
C LYS C 76 -15.77 34.09 5.01
N LEU C 77 -15.58 33.48 3.84
CA LEU C 77 -15.17 32.06 3.78
C LEU C 77 -13.84 31.87 4.50
N LEU C 78 -12.88 32.77 4.30
CA LEU C 78 -11.59 32.66 5.04
C LEU C 78 -11.73 32.73 6.54
N GLN C 79 -12.60 33.61 7.02
CA GLN C 79 -12.86 33.70 8.44
C GLN C 79 -13.46 32.44 8.99
N HIS C 80 -14.39 31.81 8.26
CA HIS C 80 -14.96 30.51 8.67
C HIS C 80 -13.84 29.44 8.75
N VAL C 81 -12.99 29.38 7.75
CA VAL C 81 -11.81 28.48 7.77
C VAL C 81 -10.88 28.79 8.95
N TRP C 82 -10.60 30.05 9.20
CA TRP C 82 -9.79 30.39 10.35
C TRP C 82 -10.42 29.89 11.66
N GLY C 83 -11.76 29.89 11.74
CA GLY C 83 -12.45 29.33 12.89
C GLY C 83 -12.14 27.87 13.11
N ILE C 84 -12.02 27.14 12.03
CA ILE C 84 -11.64 25.73 12.11
C ILE C 84 -10.23 25.54 12.64
N VAL C 85 -9.29 26.37 12.18
CA VAL C 85 -7.89 26.33 12.60
C VAL C 85 -7.78 26.66 14.10
N LYS C 86 -8.50 27.67 14.54
CA LYS C 86 -8.50 28.01 15.96
C LYS C 86 -9.08 26.92 16.81
N GLN C 87 -10.18 26.30 16.39
CA GLN C 87 -10.75 25.19 17.14
C GLN C 87 -9.74 24.02 17.30
N LYS C 88 -8.82 23.86 16.35
CA LYS C 88 -7.78 22.82 16.43
C LYS C 88 -6.64 23.20 17.34
N GLY C 89 -6.56 24.46 17.76
CA GLY C 89 -5.56 24.89 18.73
C GLY C 89 -4.43 25.72 18.15
N TYR C 90 -4.57 26.18 16.92
CA TYR C 90 -3.49 26.78 16.21
C TYR C 90 -3.71 28.26 16.00
N VAL C 91 -2.60 29.00 15.87
CA VAL C 91 -2.58 30.37 15.38
C VAL C 91 -1.60 30.49 14.21
N LEU C 92 -1.55 31.67 13.59
CA LEU C 92 -0.64 31.87 12.47
C LEU C 92 0.82 31.94 12.93
N GLY C 93 1.69 31.19 12.28
CA GLY C 93 3.14 31.48 12.34
C GLY C 93 3.40 32.57 11.31
N ASN C 94 3.37 32.16 10.05
CA ASN C 94 3.48 33.12 8.93
C ASN C 94 2.92 32.55 7.68
N ILE C 95 2.65 33.42 6.71
CA ILE C 95 2.16 33.03 5.38
C ILE C 95 2.89 33.77 4.26
N ASP C 96 3.26 33.04 3.19
CA ASP C 96 3.90 33.65 2.03
C ASP C 96 3.05 33.25 0.83
N CYS C 97 2.65 34.26 0.03
CA CYS C 97 1.68 34.10 -1.04
C CYS C 97 2.21 34.77 -2.30
N THR C 98 1.89 34.17 -3.44
CA THR C 98 2.29 34.68 -4.74
C THR C 98 1.08 34.76 -5.67
N ILE C 99 0.90 35.92 -6.34
CA ILE C 99 -0.13 36.11 -7.37
C ILE C 99 0.56 35.98 -8.72
N ILE C 100 -0.04 35.20 -9.63
CA ILE C 100 0.57 34.97 -10.93
C ILE C 100 -0.41 35.45 -12.01
N ALA C 101 -0.04 36.57 -12.63
CA ALA C 101 -0.97 37.39 -13.43
C ALA C 101 -0.20 38.27 -14.42
N GLN C 102 -0.58 38.23 -15.69
CA GLN C 102 0.07 39.15 -16.63
C GLN C 102 -0.49 40.53 -16.45
N LYS C 103 -1.81 40.64 -16.38
CA LYS C 103 -2.48 41.92 -16.10
C LYS C 103 -3.68 41.71 -15.15
N PRO C 104 -4.07 42.74 -14.38
CA PRO C 104 -3.39 44.04 -14.28
C PRO C 104 -2.15 43.96 -13.39
N LYS C 105 -1.49 45.08 -13.21
CA LYS C 105 -0.37 45.18 -12.27
C LYS C 105 -0.93 45.27 -10.86
N MET C 106 -0.39 44.43 -9.97
CA MET C 106 -0.94 44.25 -8.62
C MET C 106 -0.31 45.14 -7.58
N LEU C 107 0.80 45.76 -7.93
CA LEU C 107 1.74 46.37 -6.98
C LEU C 107 1.16 47.51 -6.15
N PRO C 108 0.26 48.34 -6.74
CA PRO C 108 -0.44 49.35 -5.92
C PRO C 108 -1.40 48.80 -4.85
N TYR C 109 -1.85 47.56 -5.00
CA TYR C 109 -2.79 46.95 -4.06
C TYR C 109 -2.18 45.95 -3.06
N ILE C 110 -0.88 45.65 -3.17
CA ILE C 110 -0.22 44.59 -2.37
C ILE C 110 -0.37 44.83 -0.88
N GLU C 111 0.03 46.02 -0.42
CA GLU C 111 -0.03 46.31 1.01
C GLU C 111 -1.43 46.14 1.57
N ASP C 112 -2.45 46.51 0.81
CA ASP C 112 -3.82 46.35 1.26
C ASP C 112 -4.25 44.88 1.39
N MET C 113 -3.85 44.06 0.42
CA MET C 113 -4.10 42.62 0.51
C MET C 113 -3.48 42.02 1.78
N ARG C 114 -2.28 42.47 2.11
CA ARG C 114 -1.55 41.95 3.26
C ARG C 114 -2.29 42.29 4.50
N LYS C 115 -2.73 43.56 4.61
CA LYS C 115 -3.60 43.97 5.73
C LYS C 115 -4.87 43.17 5.84
N ARG C 116 -5.54 42.99 4.72
CA ARG C 116 -6.78 42.26 4.72
C ARG C 116 -6.57 40.78 5.12
N ILE C 117 -5.50 40.17 4.62
CA ILE C 117 -5.21 38.75 4.97
C ILE C 117 -4.83 38.62 6.44
N ALA C 118 -4.00 39.54 6.90
CA ALA C 118 -3.66 39.61 8.33
C ALA C 118 -4.88 39.70 9.23
N GLU C 119 -5.79 40.61 8.89
CA GLU C 119 -7.09 40.68 9.59
C GLU C 119 -7.85 39.32 9.56
N GLY C 120 -7.89 38.67 8.41
CA GLY C 120 -8.60 37.39 8.28
C GLY C 120 -7.96 36.24 9.05
N LEU C 121 -6.65 36.30 9.24
CA LEU C 121 -5.89 35.27 10.03
C LEU C 121 -5.64 35.76 11.45
N GLU C 122 -6.22 36.91 11.81
CA GLU C 122 -6.03 37.53 13.14
C GLU C 122 -4.56 37.68 13.55
N ALA C 123 -3.80 38.26 12.65
CA ALA C 123 -2.37 38.26 12.75
C ALA C 123 -1.85 39.67 12.50
N ASP C 124 -0.59 39.87 12.80
CA ASP C 124 0.14 41.05 12.44
C ASP C 124 0.61 41.00 10.99
N VAL C 125 0.56 42.13 10.31
CA VAL C 125 0.99 42.23 8.91
C VAL C 125 2.46 41.79 8.64
N SER C 126 3.34 41.90 9.62
CA SER C 126 4.64 41.29 9.52
C SER C 126 4.63 39.74 9.36
N GLN C 127 3.51 39.10 9.63
CA GLN C 127 3.32 37.66 9.44
C GLN C 127 2.85 37.22 8.04
N VAL C 128 2.57 38.17 7.15
CA VAL C 128 1.87 37.89 5.86
C VAL C 128 2.71 38.52 4.78
N ASN C 129 3.10 37.73 3.79
CA ASN C 129 3.81 38.27 2.68
C ASN C 129 2.98 37.97 1.45
N VAL C 130 2.88 38.96 0.57
CA VAL C 130 2.20 38.76 -0.70
C VAL C 130 3.10 39.35 -1.75
N LYS C 131 3.36 38.62 -2.82
CA LYS C 131 4.08 39.13 -3.97
C LYS C 131 3.31 38.77 -5.24
N ALA C 132 3.61 39.48 -6.31
CA ALA C 132 2.95 39.25 -7.59
C ALA C 132 4.07 39.10 -8.57
N THR C 133 3.98 38.09 -9.43
CA THR C 133 4.95 37.97 -10.51
C THR C 133 4.20 37.57 -11.79
N THR C 134 4.86 37.75 -12.93
CA THR C 134 4.33 37.30 -14.22
C THR C 134 5.03 35.99 -14.66
N THR C 135 4.49 35.31 -15.67
CA THR C 135 5.22 34.23 -16.34
C THR C 135 5.92 34.74 -17.62
N GLU C 136 6.22 36.04 -17.70
CA GLU C 136 6.85 36.67 -18.87
C GLU C 136 6.11 36.31 -20.18
N LYS C 137 4.79 36.48 -20.17
CA LYS C 137 3.91 36.21 -21.33
C LYS C 137 3.71 34.74 -21.64
N LEU C 138 4.24 33.83 -20.81
CA LEU C 138 4.22 32.40 -21.10
C LEU C 138 3.05 31.74 -20.40
N GLY C 139 2.30 30.89 -21.11
CA GLY C 139 1.26 30.04 -20.49
C GLY C 139 -0.11 30.69 -20.36
N PHE C 140 -1.04 30.01 -19.67
CA PHE C 140 -2.43 30.50 -19.53
C PHE C 140 -2.56 31.86 -18.82
N THR C 141 -1.74 32.09 -17.79
CA THR C 141 -1.67 33.41 -17.14
C THR C 141 -0.87 34.44 -17.94
N GLY C 142 0.18 33.97 -18.63
CA GLY C 142 0.99 34.83 -19.49
C GLY C 142 0.21 35.53 -20.61
N ARG C 143 -0.84 34.87 -21.10
CA ARG C 143 -1.73 35.38 -22.16
C ARG C 143 -3.08 35.86 -21.59
N ALA C 144 -3.09 36.29 -20.33
CA ALA C 144 -4.25 36.88 -19.64
C ALA C 144 -5.58 36.10 -19.68
N GLU C 145 -5.52 34.77 -19.90
CA GLU C 145 -6.72 33.93 -19.82
C GLU C 145 -7.18 33.75 -18.36
N GLY C 146 -6.25 33.91 -17.41
CA GLY C 146 -6.54 33.74 -15.99
C GLY C 146 -5.47 34.23 -15.03
N ILE C 147 -5.82 34.21 -13.74
CA ILE C 147 -4.90 34.59 -12.67
C ILE C 147 -4.76 33.38 -11.75
N ALA C 148 -3.52 33.04 -11.44
CA ALA C 148 -3.22 31.93 -10.51
C ALA C 148 -2.65 32.51 -9.23
N ALA C 149 -2.73 31.74 -8.16
CA ALA C 149 -2.03 32.08 -6.94
C ALA C 149 -1.54 30.84 -6.27
N GLN C 150 -0.55 31.02 -5.42
CA GLN C 150 -0.12 29.99 -4.49
C GLN C 150 0.11 30.57 -3.09
N ALA C 151 -0.04 29.74 -2.06
CA ALA C 151 0.21 30.17 -0.68
C ALA C 151 0.79 29.03 0.11
N THR C 152 1.73 29.33 0.99
CA THR C 152 2.29 28.34 1.86
C THR C 152 2.14 28.91 3.24
N VAL C 153 1.61 28.14 4.17
CA VAL C 153 1.35 28.65 5.49
C VAL C 153 2.05 27.74 6.49
N LEU C 154 2.58 28.36 7.53
CA LEU C 154 3.04 27.66 8.70
C LEU C 154 2.20 28.13 9.87
N ILE C 155 1.48 27.21 10.49
CA ILE C 155 0.73 27.48 11.72
C ILE C 155 1.41 26.81 12.93
N GLN C 156 1.10 27.30 14.13
CA GLN C 156 1.74 26.84 15.39
C GLN C 156 0.73 26.84 16.53
N LYS C 157 0.92 25.96 17.52
CA LYS C 157 0.00 25.93 18.65
C LYS C 157 -0.07 27.28 19.32
N GLY C 158 -1.27 27.69 19.68
CA GLY C 158 -1.47 28.97 20.35
C GLY C 158 -2.94 29.30 20.49
N MET D 1 2.89 -19.18 25.03
CA MET D 1 2.32 -18.81 23.74
C MET D 1 2.98 -19.73 22.70
N PHE D 2 2.03 -20.17 21.91
CA PHE D 2 2.20 -20.82 20.65
C PHE D 2 1.48 -19.91 19.72
N ARG D 3 1.96 -19.83 18.50
CA ARG D 3 1.37 -19.05 17.44
C ARG D 3 1.39 -19.94 16.19
N ILE D 4 0.35 -19.82 15.37
CA ILE D 4 0.20 -20.59 14.13
C ILE D 4 0.38 -19.65 12.91
N GLY D 5 0.89 -20.22 11.82
CA GLY D 5 1.03 -19.56 10.55
C GLY D 5 0.74 -20.52 9.41
N GLN D 6 0.32 -19.99 8.27
CA GLN D 6 -0.05 -20.84 7.13
C GLN D 6 0.41 -20.17 5.86
N GLY D 7 1.05 -20.93 4.99
CA GLY D 7 1.56 -20.44 3.69
C GLY D 7 0.96 -21.20 2.54
N PHE D 8 0.70 -20.49 1.45
CA PHE D 8 0.24 -21.06 0.22
C PHE D 8 0.95 -20.30 -0.89
N ASP D 9 1.40 -21.01 -1.91
CA ASP D 9 2.00 -20.39 -3.11
C ASP D 9 1.88 -21.32 -4.31
N VAL D 10 1.91 -20.71 -5.50
CA VAL D 10 1.78 -21.43 -6.76
C VAL D 10 2.72 -20.74 -7.72
N HIS D 11 3.42 -21.54 -8.52
CA HIS D 11 4.36 -21.02 -9.50
C HIS D 11 4.15 -21.76 -10.80
N GLN D 12 4.18 -21.04 -11.93
CA GLN D 12 4.03 -21.66 -13.26
C GLN D 12 5.27 -22.46 -13.62
N LEU D 13 5.06 -23.61 -14.24
CA LEU D 13 6.14 -24.37 -14.88
C LEU D 13 6.33 -23.89 -16.33
N VAL D 14 7.56 -23.50 -16.65
CA VAL D 14 7.90 -23.04 -18.00
C VAL D 14 9.21 -23.70 -18.46
N GLU D 15 9.37 -23.95 -19.76
CA GLU D 15 10.64 -24.51 -20.22
C GLU D 15 11.73 -23.46 -20.08
N GLY D 16 12.95 -23.91 -19.72
CA GLY D 16 14.13 -23.05 -19.70
C GLY D 16 14.60 -22.49 -18.38
N ARG D 17 14.15 -23.04 -17.25
CA ARG D 17 14.67 -22.65 -15.92
C ARG D 17 14.98 -23.89 -15.06
N PRO D 18 15.87 -23.74 -14.06
CA PRO D 18 16.14 -24.83 -13.10
C PRO D 18 14.99 -24.95 -12.08
N LEU D 19 14.50 -26.18 -11.83
CA LEU D 19 13.48 -26.44 -10.81
C LEU D 19 14.16 -26.54 -9.46
N ILE D 20 13.93 -25.55 -8.61
CA ILE D 20 14.44 -25.53 -7.23
C ILE D 20 13.20 -25.63 -6.28
N ILE D 21 13.23 -26.63 -5.38
CA ILE D 21 12.16 -26.89 -4.39
C ILE D 21 12.80 -27.27 -3.05
N GLY D 22 12.48 -26.52 -1.99
CA GLY D 22 13.06 -26.70 -0.66
C GLY D 22 14.57 -26.43 -0.58
N GLY D 23 15.06 -25.53 -1.45
CA GLY D 23 16.48 -25.28 -1.58
C GLY D 23 17.24 -26.38 -2.31
N ILE D 24 16.56 -27.35 -2.88
CA ILE D 24 17.18 -28.52 -3.52
C ILE D 24 16.92 -28.45 -5.02
N GLU D 25 17.98 -28.70 -5.80
CA GLU D 25 17.85 -28.74 -7.26
C GLU D 25 17.31 -30.10 -7.73
N ILE D 26 16.32 -30.06 -8.61
CA ILE D 26 15.63 -31.27 -9.04
C ILE D 26 15.77 -31.42 -10.57
N PRO D 27 16.34 -32.56 -11.06
CA PRO D 27 16.30 -32.96 -12.47
C PRO D 27 14.92 -32.70 -13.06
N TYR D 28 14.89 -31.81 -14.06
CA TYR D 28 13.68 -31.52 -14.79
C TYR D 28 13.91 -30.57 -16.00
N GLU D 29 13.16 -30.83 -17.06
CA GLU D 29 13.18 -30.04 -18.33
C GLU D 29 12.38 -28.73 -18.28
N LYS D 30 11.73 -28.47 -17.14
CA LYS D 30 11.13 -27.18 -16.80
C LYS D 30 11.64 -26.71 -15.43
N GLY D 31 11.07 -25.61 -14.95
CA GLY D 31 11.47 -25.00 -13.71
C GLY D 31 10.44 -23.94 -13.39
N LEU D 32 10.62 -23.22 -12.30
CA LEU D 32 9.54 -22.35 -11.83
C LEU D 32 9.81 -20.88 -12.17
N LEU D 33 8.76 -20.15 -12.55
CA LEU D 33 8.86 -18.74 -12.94
C LEU D 33 8.48 -17.85 -11.75
N GLY D 34 9.25 -16.80 -11.52
CA GLY D 34 9.22 -16.06 -10.25
C GLY D 34 10.41 -15.13 -10.17
N HIS D 35 10.31 -14.13 -9.30
CA HIS D 35 11.26 -13.00 -9.33
C HIS D 35 12.66 -13.40 -8.81
N SER D 36 12.73 -14.17 -7.72
CA SER D 36 14.01 -14.73 -7.22
C SER D 36 14.26 -16.09 -7.91
N ASP D 37 14.90 -17.04 -7.22
CA ASP D 37 14.98 -18.43 -7.73
C ASP D 37 13.61 -19.16 -7.78
N ALA D 38 12.53 -18.54 -7.28
CA ALA D 38 11.16 -19.08 -7.47
C ALA D 38 10.93 -20.43 -6.76
N ASP D 39 11.54 -20.60 -5.60
CA ASP D 39 11.43 -21.85 -4.81
C ASP D 39 10.04 -21.86 -4.18
N VAL D 40 9.10 -22.53 -4.80
CA VAL D 40 7.74 -22.45 -4.26
C VAL D 40 7.63 -22.89 -2.75
N LEU D 41 8.42 -23.87 -2.32
CA LEU D 41 8.28 -24.43 -0.98
C LEU D 41 8.85 -23.49 0.04
N LEU D 42 10.05 -22.97 -0.21
CA LEU D 42 10.64 -22.03 0.75
C LEU D 42 9.91 -20.70 0.86
N HIS D 43 9.26 -20.27 -0.20
CA HIS D 43 8.40 -19.08 -0.12
C HIS D 43 7.18 -19.33 0.81
N THR D 44 6.56 -20.50 0.70
CA THR D 44 5.40 -20.88 1.54
C THR D 44 5.86 -21.10 2.96
N VAL D 45 7.07 -21.64 3.18
CA VAL D 45 7.60 -21.71 4.54
C VAL D 45 7.83 -20.30 5.10
N ALA D 46 8.49 -19.44 4.33
CA ALA D 46 8.76 -18.08 4.76
C ALA D 46 7.46 -17.33 5.09
N ASP D 47 6.45 -17.50 4.24
CA ASP D 47 5.18 -16.78 4.41
C ASP D 47 4.41 -17.34 5.66
N ALA D 48 4.49 -18.64 5.92
CA ALA D 48 3.87 -19.16 7.13
C ALA D 48 4.49 -18.60 8.38
N CYS D 49 5.83 -18.49 8.43
CA CYS D 49 6.56 -17.93 9.55
C CYS D 49 6.25 -16.46 9.83
N LEU D 50 6.28 -15.63 8.78
CA LEU D 50 5.85 -14.24 8.89
C LEU D 50 4.39 -14.12 9.31
N GLY D 51 3.52 -14.96 8.76
CA GLY D 51 2.11 -14.97 9.17
C GLY D 51 1.91 -15.30 10.64
N ALA D 52 2.66 -16.27 11.12
CA ALA D 52 2.64 -16.60 12.58
C ALA D 52 2.99 -15.47 13.51
N VAL D 53 3.81 -14.52 13.09
CA VAL D 53 4.16 -13.42 13.99
C VAL D 53 3.50 -12.11 13.57
N GLY D 54 2.54 -12.16 12.66
CA GLY D 54 1.79 -10.99 12.30
C GLY D 54 2.54 -9.99 11.43
N GLU D 55 3.51 -10.47 10.64
CA GLU D 55 4.41 -9.59 9.86
C GLU D 55 4.12 -9.61 8.37
N GLY D 56 2.92 -10.03 7.98
CA GLY D 56 2.44 -9.89 6.63
C GLY D 56 2.83 -11.06 5.72
N ASP D 57 3.72 -10.79 4.77
CA ASP D 57 4.22 -11.75 3.81
C ASP D 57 5.58 -11.27 3.28
N ILE D 58 6.18 -12.08 2.43
CA ILE D 58 7.52 -11.79 1.92
C ILE D 58 7.57 -10.51 1.06
N GLY D 59 6.55 -10.26 0.23
CA GLY D 59 6.46 -9.00 -0.55
C GLY D 59 6.52 -7.71 0.28
N LYS D 60 5.97 -7.76 1.49
CA LYS D 60 6.11 -6.69 2.49
C LYS D 60 7.57 -6.36 2.83
N HIS D 61 8.38 -7.39 3.12
CA HIS D 61 9.77 -7.21 3.62
C HIS D 61 10.92 -7.27 2.61
N PHE D 62 10.70 -7.90 1.46
CA PHE D 62 11.74 -8.14 0.44
C PHE D 62 11.24 -7.73 -0.91
N PRO D 63 10.83 -6.46 -1.03
CA PRO D 63 10.25 -6.02 -2.28
C PRO D 63 11.34 -5.92 -3.34
N ASP D 64 10.92 -6.04 -4.60
CA ASP D 64 11.82 -6.31 -5.74
C ASP D 64 12.71 -5.12 -6.15
N THR D 65 12.58 -3.99 -5.47
CA THR D 65 13.53 -2.89 -5.60
C THR D 65 14.65 -3.07 -4.59
N ASP D 73 18.07 -15.56 -3.70
CA ASP D 73 18.15 -16.89 -3.13
C ASP D 73 17.03 -17.01 -2.06
N SER D 74 16.17 -18.02 -2.17
CA SER D 74 14.98 -18.13 -1.32
C SER D 74 15.34 -18.61 0.07
N PHE D 75 16.39 -19.43 0.15
CA PHE D 75 16.99 -19.78 1.42
C PHE D 75 17.49 -18.59 2.25
N LYS D 76 18.02 -17.59 1.56
CA LYS D 76 18.52 -16.40 2.20
C LYS D 76 17.37 -15.58 2.72
N LEU D 77 16.30 -15.47 1.92
CA LEU D 77 15.07 -14.84 2.34
C LEU D 77 14.49 -15.55 3.60
N LEU D 78 14.45 -16.88 3.59
CA LEU D 78 14.00 -17.63 4.75
C LEU D 78 14.80 -17.29 6.01
N GLN D 79 16.13 -17.20 5.89
CA GLN D 79 16.96 -16.80 7.03
C GLN D 79 16.60 -15.41 7.53
N HIS D 80 16.36 -14.48 6.61
CA HIS D 80 15.91 -13.14 7.02
C HIS D 80 14.58 -13.25 7.78
N VAL D 81 13.68 -14.06 7.28
CA VAL D 81 12.38 -14.24 7.94
C VAL D 81 12.55 -14.81 9.32
N TRP D 82 13.42 -15.81 9.44
CA TRP D 82 13.58 -16.43 10.75
C TRP D 82 14.17 -15.44 11.71
N GLY D 83 14.97 -14.52 11.21
CA GLY D 83 15.52 -13.51 12.08
C GLY D 83 14.40 -12.67 12.66
N ILE D 84 13.40 -12.38 11.85
CA ILE D 84 12.23 -11.59 12.34
C ILE D 84 11.48 -12.38 13.45
N VAL D 85 11.33 -13.67 13.20
CA VAL D 85 10.67 -14.57 14.17
C VAL D 85 11.41 -14.62 15.52
N LYS D 86 12.73 -14.70 15.49
CA LYS D 86 13.54 -14.69 16.70
C LYS D 86 13.46 -13.39 17.42
N GLN D 87 13.43 -12.30 16.67
CA GLN D 87 13.37 -10.98 17.29
C GLN D 87 12.08 -10.84 18.12
N LYS D 88 11.01 -11.53 17.70
CA LYS D 88 9.73 -11.57 18.41
C LYS D 88 9.76 -12.50 19.62
N GLY D 89 10.84 -13.26 19.82
CA GLY D 89 10.95 -14.13 20.95
C GLY D 89 10.52 -15.58 20.75
N TYR D 90 10.46 -16.04 19.50
CA TYR D 90 9.91 -17.38 19.21
C TYR D 90 10.96 -18.26 18.64
N VAL D 91 10.76 -19.58 18.81
CA VAL D 91 11.49 -20.64 18.11
C VAL D 91 10.49 -21.63 17.45
N LEU D 92 11.01 -22.56 16.64
CA LEU D 92 10.17 -23.53 15.96
C LEU D 92 9.59 -24.50 16.94
N GLY D 93 8.29 -24.76 16.82
CA GLY D 93 7.67 -25.91 17.43
C GLY D 93 7.78 -27.01 16.41
N ASN D 94 6.97 -26.93 15.38
CA ASN D 94 7.11 -27.78 14.23
C ASN D 94 6.46 -27.18 12.99
N ILE D 95 6.78 -27.77 11.83
CA ILE D 95 6.24 -27.34 10.55
C ILE D 95 5.88 -28.55 9.74
N ASP D 96 4.75 -28.48 9.07
CA ASP D 96 4.30 -29.53 8.14
C ASP D 96 3.96 -28.92 6.78
N CYS D 97 4.56 -29.48 5.73
CA CYS D 97 4.54 -28.89 4.41
C CYS D 97 4.08 -29.89 3.42
N THR D 98 3.42 -29.40 2.38
CA THR D 98 3.02 -30.23 1.28
C THR D 98 3.39 -29.53 -0.06
N ILE D 99 4.04 -30.30 -0.94
CA ILE D 99 4.26 -29.96 -2.33
C ILE D 99 3.20 -30.65 -3.17
N ILE D 100 2.51 -29.89 -4.01
CA ILE D 100 1.51 -30.44 -4.92
C ILE D 100 2.01 -30.25 -6.37
N ALA D 101 2.33 -31.38 -6.99
CA ALA D 101 2.97 -31.44 -8.33
C ALA D 101 2.69 -32.78 -9.02
N GLN D 102 2.27 -32.73 -10.29
CA GLN D 102 1.93 -33.96 -11.00
C GLN D 102 3.21 -34.70 -11.31
N LYS D 103 4.29 -33.98 -11.60
CA LYS D 103 5.63 -34.54 -11.75
C LYS D 103 6.60 -33.36 -11.67
N PRO D 104 7.90 -33.59 -11.53
CA PRO D 104 8.55 -34.88 -11.41
C PRO D 104 8.25 -35.57 -10.08
N LYS D 105 8.80 -36.77 -9.92
CA LYS D 105 8.81 -37.43 -8.64
C LYS D 105 9.68 -36.60 -7.68
N MET D 106 9.14 -36.24 -6.52
CA MET D 106 9.85 -35.46 -5.52
C MET D 106 10.52 -36.33 -4.44
N LEU D 107 10.05 -37.56 -4.32
CA LEU D 107 10.33 -38.41 -3.16
C LEU D 107 11.81 -38.58 -2.84
N PRO D 108 12.69 -38.72 -3.86
CA PRO D 108 14.11 -38.90 -3.58
C PRO D 108 14.79 -37.68 -3.03
N TYR D 109 14.15 -36.52 -3.14
CA TYR D 109 14.74 -35.25 -2.69
C TYR D 109 14.18 -34.72 -1.34
N ILE D 110 13.14 -35.35 -0.82
CA ILE D 110 12.46 -34.90 0.40
C ILE D 110 13.41 -34.74 1.58
N GLU D 111 14.25 -35.74 1.84
CA GLU D 111 15.14 -35.65 3.00
C GLU D 111 16.06 -34.48 2.96
N ASP D 112 16.59 -34.15 1.77
CA ASP D 112 17.46 -32.98 1.71
C ASP D 112 16.68 -31.69 1.90
N MET D 113 15.45 -31.65 1.40
CA MET D 113 14.57 -30.49 1.63
C MET D 113 14.34 -30.32 3.15
N ARG D 114 14.06 -31.40 3.86
CA ARG D 114 13.84 -31.28 5.34
C ARG D 114 15.05 -30.74 6.03
N LYS D 115 16.24 -31.19 5.64
CA LYS D 115 17.49 -30.71 6.26
C LYS D 115 17.74 -29.25 5.96
N ARG D 116 17.48 -28.84 4.74
CA ARG D 116 17.65 -27.44 4.38
C ARG D 116 16.64 -26.54 5.12
N ILE D 117 15.40 -26.98 5.22
CA ILE D 117 14.39 -26.22 5.94
C ILE D 117 14.76 -26.21 7.40
N ALA D 118 15.17 -27.34 7.97
CA ALA D 118 15.62 -27.37 9.38
C ALA D 118 16.78 -26.42 9.67
N GLU D 119 17.74 -26.36 8.76
CA GLU D 119 18.85 -25.41 8.90
C GLU D 119 18.34 -23.97 8.91
N GLY D 120 17.45 -23.60 8.00
CA GLY D 120 16.94 -22.23 7.93
C GLY D 120 16.08 -21.83 9.11
N LEU D 121 15.44 -22.82 9.77
CA LEU D 121 14.61 -22.57 10.95
C LEU D 121 15.33 -22.90 12.27
N GLU D 122 16.64 -23.16 12.20
CA GLU D 122 17.52 -23.41 13.35
C GLU D 122 16.94 -24.50 14.22
N ALA D 123 16.60 -25.62 13.60
CA ALA D 123 15.82 -26.64 14.28
C ALA D 123 16.33 -28.01 13.95
N ASP D 124 15.78 -29.00 14.63
CA ASP D 124 16.07 -30.38 14.37
C ASP D 124 15.24 -30.84 13.19
N VAL D 125 15.80 -31.72 12.38
CA VAL D 125 15.09 -32.28 11.28
C VAL D 125 13.76 -32.96 11.66
N SER D 126 13.72 -33.55 12.84
CA SER D 126 12.51 -34.19 13.36
C SER D 126 11.31 -33.17 13.60
N GLN D 127 11.61 -31.87 13.61
CA GLN D 127 10.58 -30.83 13.70
C GLN D 127 10.01 -30.42 12.33
N VAL D 128 10.56 -30.98 11.24
CA VAL D 128 10.23 -30.52 9.89
C VAL D 128 9.66 -31.71 9.10
N ASN D 129 8.45 -31.57 8.58
CA ASN D 129 7.86 -32.59 7.74
C ASN D 129 7.59 -32.02 6.37
N VAL D 130 7.92 -32.79 5.34
CA VAL D 130 7.64 -32.39 3.96
C VAL D 130 7.08 -33.61 3.32
N LYS D 131 5.93 -33.45 2.67
CA LYS D 131 5.40 -34.52 1.85
C LYS D 131 5.10 -34.00 0.46
N ALA D 132 5.02 -34.91 -0.51
CA ALA D 132 4.68 -34.51 -1.88
C ALA D 132 3.46 -35.23 -2.29
N THR D 133 2.56 -34.53 -2.98
CA THR D 133 1.37 -35.17 -3.50
C THR D 133 1.01 -34.68 -4.92
N THR D 134 0.11 -35.38 -5.59
CA THR D 134 -0.41 -34.92 -6.90
C THR D 134 -1.91 -34.69 -6.75
N THR D 135 -2.49 -34.07 -7.77
CA THR D 135 -3.94 -33.95 -7.88
C THR D 135 -4.54 -34.96 -8.87
N GLU D 136 -3.82 -36.07 -9.11
CA GLU D 136 -4.27 -37.15 -9.99
C GLU D 136 -4.73 -36.62 -11.34
N LYS D 137 -3.92 -35.74 -11.90
CA LYS D 137 -4.16 -35.13 -13.22
C LYS D 137 -5.28 -34.10 -13.27
N LEU D 138 -5.82 -33.75 -12.12
CA LEU D 138 -6.90 -32.77 -12.08
C LEU D 138 -6.38 -31.40 -11.78
N GLY D 139 -7.01 -30.39 -12.38
CA GLY D 139 -6.65 -29.01 -12.14
C GLY D 139 -5.33 -28.63 -12.76
N PHE D 140 -4.91 -27.39 -12.49
CA PHE D 140 -3.74 -26.83 -13.12
C PHE D 140 -2.43 -27.50 -12.70
N THR D 141 -2.35 -27.99 -11.45
CA THR D 141 -1.23 -28.86 -11.10
C THR D 141 -1.33 -30.20 -11.86
N GLY D 142 -2.54 -30.74 -11.96
CA GLY D 142 -2.80 -31.97 -12.71
C GLY D 142 -2.27 -31.89 -14.13
N ARG D 143 -2.56 -30.79 -14.81
CA ARG D 143 -2.09 -30.55 -16.19
C ARG D 143 -0.62 -30.06 -16.31
N ALA D 144 0.15 -30.07 -15.22
CA ALA D 144 1.54 -29.63 -15.22
C ALA D 144 1.73 -28.15 -15.60
N GLU D 145 0.71 -27.32 -15.41
CA GLU D 145 0.89 -25.88 -15.64
C GLU D 145 1.67 -25.20 -14.51
N GLY D 146 1.56 -25.71 -13.28
CA GLY D 146 2.37 -25.21 -12.17
C GLY D 146 2.58 -26.18 -11.02
N ILE D 147 3.35 -25.74 -10.03
CA ILE D 147 3.56 -26.48 -8.77
C ILE D 147 3.07 -25.56 -7.63
N ALA D 148 2.33 -26.15 -6.70
CA ALA D 148 1.87 -25.42 -5.49
C ALA D 148 2.47 -26.05 -4.24
N ALA D 149 2.50 -25.26 -3.17
CA ALA D 149 2.93 -25.76 -1.90
C ALA D 149 2.07 -25.12 -0.82
N GLN D 150 1.87 -25.86 0.27
CA GLN D 150 1.27 -25.32 1.48
C GLN D 150 2.23 -25.61 2.66
N ALA D 151 2.23 -24.77 3.67
CA ALA D 151 2.97 -25.01 4.90
C ALA D 151 2.18 -24.49 6.08
N THR D 152 2.16 -25.27 7.15
CA THR D 152 1.56 -24.86 8.41
C THR D 152 2.63 -24.97 9.47
N VAL D 153 2.86 -23.89 10.18
CA VAL D 153 3.91 -23.79 11.20
C VAL D 153 3.32 -23.46 12.57
N LEU D 154 3.85 -24.13 13.58
CA LEU D 154 3.57 -23.77 14.96
C LEU D 154 4.87 -23.29 15.54
N ILE D 155 4.89 -22.04 16.03
CA ILE D 155 6.00 -21.48 16.80
C ILE D 155 5.64 -21.34 18.28
N GLN D 156 6.68 -21.28 19.11
CA GLN D 156 6.54 -21.19 20.57
C GLN D 156 7.62 -20.28 21.11
N LYS D 157 7.36 -19.70 22.27
CA LYS D 157 8.33 -18.81 22.93
C LYS D 157 9.57 -19.63 23.23
N GLY D 158 10.71 -19.00 23.03
CA GLY D 158 11.97 -19.66 23.35
C GLY D 158 13.15 -18.85 22.88
N MET E 1 -5.10 -24.98 27.43
CA MET E 1 -5.34 -25.56 26.08
C MET E 1 -5.45 -24.58 24.92
N PHE E 2 -5.09 -25.16 23.78
CA PHE E 2 -5.12 -24.54 22.49
C PHE E 2 -5.97 -25.44 21.60
N ARG E 3 -6.69 -24.83 20.66
CA ARG E 3 -7.40 -25.57 19.60
C ARG E 3 -7.13 -24.88 18.26
N ILE E 4 -7.18 -25.66 17.20
CA ILE E 4 -6.87 -25.18 15.88
C ILE E 4 -8.16 -25.22 15.06
N GLY E 5 -8.27 -24.30 14.14
CA GLY E 5 -9.31 -24.36 13.14
C GLY E 5 -8.84 -23.85 11.79
N GLN E 6 -9.53 -24.27 10.76
CA GLN E 6 -9.17 -23.99 9.40
C GLN E 6 -10.45 -23.69 8.60
N GLY E 7 -10.46 -22.60 7.88
CA GLY E 7 -11.57 -22.26 7.01
C GLY E 7 -11.10 -22.13 5.58
N PHE E 8 -12.03 -22.39 4.64
CA PHE E 8 -11.84 -22.21 3.22
C PHE E 8 -13.18 -21.81 2.54
N ASP E 9 -13.14 -20.82 1.66
CA ASP E 9 -14.34 -20.45 0.92
C ASP E 9 -13.97 -19.89 -0.45
N VAL E 10 -14.94 -19.91 -1.37
CA VAL E 10 -14.76 -19.43 -2.74
C VAL E 10 -16.05 -18.72 -3.14
N HIS E 11 -15.97 -17.51 -3.63
CA HIS E 11 -17.14 -16.82 -4.19
C HIS E 11 -16.88 -16.41 -5.65
N GLN E 12 -17.90 -16.53 -6.52
CA GLN E 12 -17.75 -16.10 -7.92
C GLN E 12 -17.69 -14.60 -7.98
N LEU E 13 -16.89 -14.09 -8.90
CA LEU E 13 -16.91 -12.71 -9.26
C LEU E 13 -17.98 -12.53 -10.35
N VAL E 14 -18.79 -11.48 -10.21
CA VAL E 14 -19.83 -11.16 -11.19
C VAL E 14 -19.90 -9.65 -11.33
N GLU E 15 -20.40 -9.20 -12.48
CA GLU E 15 -20.57 -7.77 -12.71
C GLU E 15 -21.76 -7.31 -11.88
N GLY E 16 -21.83 -6.02 -11.59
CA GLY E 16 -23.02 -5.42 -11.00
C GLY E 16 -23.23 -5.57 -9.51
N ARG E 17 -22.22 -6.11 -8.80
CA ARG E 17 -22.26 -6.29 -7.34
C ARG E 17 -20.99 -5.66 -6.78
N PRO E 18 -21.02 -5.24 -5.49
CA PRO E 18 -19.80 -4.75 -4.85
C PRO E 18 -18.90 -5.88 -4.35
N LEU E 19 -17.60 -5.54 -4.21
CA LEU E 19 -16.55 -6.41 -3.66
C LEU E 19 -16.27 -5.92 -2.23
N ILE E 20 -16.65 -6.75 -1.28
CA ILE E 20 -16.45 -6.51 0.14
C ILE E 20 -15.63 -7.70 0.67
N ILE E 21 -14.46 -7.41 1.21
CA ILE E 21 -13.54 -8.43 1.72
C ILE E 21 -12.99 -7.96 3.06
N GLY E 22 -13.07 -8.83 4.05
CA GLY E 22 -12.58 -8.52 5.37
C GLY E 22 -13.31 -7.34 6.00
N GLY E 23 -14.59 -7.20 5.65
CA GLY E 23 -15.40 -6.08 6.19
C GLY E 23 -15.13 -4.80 5.45
N ILE E 24 -14.40 -4.86 4.34
CA ILE E 24 -13.94 -3.64 3.67
C ILE E 24 -14.36 -3.64 2.19
N GLU E 25 -15.00 -2.54 1.80
CA GLU E 25 -15.43 -2.34 0.41
C GLU E 25 -14.17 -1.99 -0.41
N ILE E 26 -13.99 -2.67 -1.54
CA ILE E 26 -12.86 -2.47 -2.42
C ILE E 26 -13.38 -2.07 -3.81
N PRO E 27 -12.88 -0.97 -4.38
CA PRO E 27 -13.16 -0.52 -5.76
C PRO E 27 -12.88 -1.55 -6.79
N TYR E 28 -13.94 -1.96 -7.49
CA TYR E 28 -13.79 -2.90 -8.54
C TYR E 28 -15.06 -3.01 -9.43
N GLU E 29 -14.85 -3.43 -10.67
CA GLU E 29 -15.93 -3.62 -11.68
C GLU E 29 -16.71 -4.92 -11.51
N LYS E 30 -16.29 -5.74 -10.56
CA LYS E 30 -16.95 -6.96 -10.23
C LYS E 30 -17.00 -7.10 -8.72
N GLY E 31 -17.89 -7.96 -8.28
CA GLY E 31 -18.07 -8.24 -6.87
C GLY E 31 -18.49 -9.66 -6.71
N LEU E 32 -18.66 -10.07 -5.47
CA LEU E 32 -18.86 -11.46 -5.17
C LEU E 32 -20.32 -11.82 -5.04
N LEU E 33 -20.63 -13.06 -5.40
CA LEU E 33 -21.96 -13.60 -5.38
C LEU E 33 -22.10 -14.44 -4.11
N GLY E 34 -23.16 -14.16 -3.38
CA GLY E 34 -23.44 -14.75 -2.06
C GLY E 34 -24.80 -14.22 -1.61
N HIS E 35 -25.40 -14.89 -0.63
CA HIS E 35 -26.74 -14.50 -0.15
C HIS E 35 -26.74 -13.29 0.81
N SER E 36 -25.60 -12.94 1.41
CA SER E 36 -25.45 -11.69 2.21
C SER E 36 -24.55 -10.70 1.43
N ASP E 37 -23.57 -10.06 2.08
CA ASP E 37 -22.58 -9.22 1.37
C ASP E 37 -21.46 -10.00 0.66
N ALA E 38 -21.50 -11.33 0.74
CA ALA E 38 -20.62 -12.25 0.05
C ALA E 38 -19.11 -12.04 0.38
N ASP E 39 -18.84 -11.66 1.63
CA ASP E 39 -17.49 -11.36 2.10
C ASP E 39 -16.79 -12.71 2.30
N VAL E 40 -16.07 -13.14 1.28
CA VAL E 40 -15.44 -14.45 1.30
C VAL E 40 -14.41 -14.62 2.46
N LEU E 41 -13.73 -13.57 2.86
CA LEU E 41 -12.72 -13.65 3.95
C LEU E 41 -13.36 -13.74 5.32
N LEU E 42 -14.34 -12.87 5.60
CA LEU E 42 -15.03 -13.00 6.89
C LEU E 42 -15.73 -14.34 7.07
N HIS E 43 -16.25 -14.91 6.00
CA HIS E 43 -16.81 -16.25 6.05
C HIS E 43 -15.77 -17.35 6.40
N THR E 44 -14.55 -17.23 5.85
CA THR E 44 -13.51 -18.22 6.13
C THR E 44 -13.02 -18.05 7.53
N VAL E 45 -12.91 -16.82 7.99
CA VAL E 45 -12.61 -16.58 9.43
C VAL E 45 -13.66 -17.25 10.34
N ALA E 46 -14.93 -16.97 10.05
CA ALA E 46 -15.98 -17.50 10.87
C ALA E 46 -15.99 -19.01 10.85
N ASP E 47 -15.75 -19.61 9.68
CA ASP E 47 -15.68 -21.10 9.59
C ASP E 47 -14.48 -21.70 10.30
N ALA E 48 -13.33 -20.99 10.26
CA ALA E 48 -12.16 -21.39 11.05
C ALA E 48 -12.47 -21.41 12.55
N CYS E 49 -13.13 -20.37 13.06
CA CYS E 49 -13.47 -20.29 14.47
C CYS E 49 -14.43 -21.35 14.94
N LEU E 50 -15.48 -21.59 14.15
CA LEU E 50 -16.45 -22.62 14.48
C LEU E 50 -15.81 -23.97 14.42
N GLY E 51 -14.96 -24.18 13.42
CA GLY E 51 -14.26 -25.46 13.34
C GLY E 51 -13.35 -25.76 14.50
N ALA E 52 -12.69 -24.75 15.01
CA ALA E 52 -11.82 -24.92 16.16
C ALA E 52 -12.56 -25.37 17.40
N VAL E 53 -13.82 -24.96 17.59
CA VAL E 53 -14.61 -25.43 18.75
C VAL E 53 -15.58 -26.57 18.44
N GLY E 54 -15.46 -27.21 17.27
CA GLY E 54 -16.22 -28.41 17.00
C GLY E 54 -17.72 -28.15 16.74
N GLU E 55 -18.02 -26.97 16.23
CA GLU E 55 -19.40 -26.50 16.02
C GLU E 55 -19.84 -26.43 14.56
N GLY E 56 -19.21 -27.23 13.69
CA GLY E 56 -19.62 -27.38 12.32
C GLY E 56 -19.22 -26.27 11.39
N ASP E 57 -20.20 -25.45 11.01
CA ASP E 57 -19.98 -24.37 10.06
C ASP E 57 -21.13 -23.33 10.15
N ILE E 58 -21.00 -22.25 9.41
CA ILE E 58 -21.92 -21.11 9.44
C ILE E 58 -23.36 -21.56 9.25
N GLY E 59 -23.58 -22.46 8.30
CA GLY E 59 -24.92 -22.93 7.93
C GLY E 59 -25.67 -23.59 9.07
N LYS E 60 -24.92 -24.36 9.87
CA LYS E 60 -25.46 -25.02 11.03
C LYS E 60 -26.01 -24.08 12.14
N HIS E 61 -25.64 -22.80 12.12
CA HIS E 61 -26.02 -21.87 13.21
C HIS E 61 -26.78 -20.67 12.74
N PHE E 62 -26.34 -20.08 11.62
CA PHE E 62 -26.88 -18.82 11.12
C PHE E 62 -27.16 -18.96 9.60
N PRO E 63 -28.14 -19.81 9.21
CA PRO E 63 -28.45 -19.97 7.77
C PRO E 63 -28.85 -18.67 7.06
N ASP E 73 -25.06 -8.73 7.07
CA ASP E 73 -23.68 -8.27 7.18
C ASP E 73 -22.77 -9.36 7.77
N SER E 74 -21.66 -9.67 7.10
CA SER E 74 -20.78 -10.78 7.52
C SER E 74 -19.99 -10.42 8.80
N PHE E 75 -19.77 -9.14 9.04
CA PHE E 75 -19.19 -8.74 10.33
C PHE E 75 -20.09 -9.15 11.50
N LYS E 76 -21.39 -8.92 11.36
CA LYS E 76 -22.35 -9.32 12.40
C LYS E 76 -22.33 -10.80 12.58
N LEU E 77 -22.30 -11.53 11.47
CA LEU E 77 -22.18 -12.99 11.53
C LEU E 77 -20.96 -13.44 12.34
N LEU E 78 -19.82 -12.82 12.06
CA LEU E 78 -18.55 -13.18 12.71
C LEU E 78 -18.64 -12.92 14.22
N GLN E 79 -19.22 -11.79 14.60
CA GLN E 79 -19.48 -11.52 16.04
C GLN E 79 -20.30 -12.61 16.72
N HIS E 80 -21.34 -13.10 16.06
CA HIS E 80 -22.16 -14.16 16.69
C HIS E 80 -21.40 -15.49 16.77
N VAL E 81 -20.62 -15.78 15.74
CA VAL E 81 -19.76 -16.95 15.78
C VAL E 81 -18.78 -16.84 16.94
N TRP E 82 -18.18 -15.70 17.10
CA TRP E 82 -17.22 -15.48 18.18
C TRP E 82 -17.91 -15.56 19.53
N GLY E 83 -19.17 -15.17 19.62
CA GLY E 83 -19.99 -15.50 20.84
C GLY E 83 -19.98 -16.98 21.20
N ILE E 84 -20.12 -17.81 20.19
CA ILE E 84 -20.02 -19.27 20.38
C ILE E 84 -18.64 -19.73 20.89
N VAL E 85 -17.56 -19.14 20.34
CA VAL E 85 -16.21 -19.46 20.81
C VAL E 85 -16.01 -18.98 22.27
N LYS E 86 -16.43 -17.78 22.58
CA LYS E 86 -16.43 -17.28 23.96
C LYS E 86 -17.20 -18.15 24.95
N GLN E 87 -18.37 -18.65 24.57
CA GLN E 87 -19.19 -19.51 25.47
C GLN E 87 -18.41 -20.76 25.85
N LYS E 88 -17.63 -21.33 24.93
CA LYS E 88 -16.74 -22.47 25.24
C LYS E 88 -15.52 -22.10 26.10
N GLY E 89 -15.30 -20.83 26.38
CA GLY E 89 -14.23 -20.40 27.26
C GLY E 89 -12.91 -20.08 26.59
N TYR E 90 -12.91 -19.80 25.28
CA TYR E 90 -11.68 -19.52 24.53
C TYR E 90 -11.58 -18.08 24.15
N VAL E 91 -10.37 -17.59 23.93
CA VAL E 91 -10.10 -16.27 23.36
C VAL E 91 -9.15 -16.50 22.20
N LEU E 92 -8.92 -15.48 21.40
CA LEU E 92 -8.02 -15.59 20.23
C LEU E 92 -6.57 -15.79 20.68
N GLY E 93 -5.89 -16.79 20.11
CA GLY E 93 -4.43 -16.82 20.13
C GLY E 93 -3.90 -15.94 19.00
N ASN E 94 -3.95 -16.48 17.77
CA ASN E 94 -3.71 -15.67 16.61
C ASN E 94 -4.39 -16.28 15.42
N ILE E 95 -4.49 -15.51 14.39
CA ILE E 95 -5.10 -15.97 13.15
C ILE E 95 -4.24 -15.51 11.96
N ASP E 96 -4.13 -16.37 10.96
CA ASP E 96 -3.36 -16.08 9.74
C ASP E 96 -4.26 -16.41 8.55
N CYS E 97 -4.46 -15.41 7.68
CA CYS E 97 -5.43 -15.45 6.58
C CYS E 97 -4.77 -15.14 5.25
N THR E 98 -5.29 -15.73 4.19
CA THR E 98 -4.83 -15.49 2.84
C THR E 98 -6.04 -15.30 1.93
N ILE E 99 -6.02 -14.19 1.19
CA ILE E 99 -6.94 -13.92 0.09
C ILE E 99 -6.27 -14.35 -1.23
N ILE E 100 -6.95 -15.16 -2.01
CA ILE E 100 -6.40 -15.61 -3.30
C ILE E 100 -7.26 -14.99 -4.39
N ALA E 101 -6.69 -14.01 -5.08
CA ALA E 101 -7.38 -13.33 -6.16
C ALA E 101 -6.40 -12.75 -7.17
N GLN E 102 -6.77 -12.84 -8.44
CA GLN E 102 -5.89 -12.37 -9.49
C GLN E 102 -5.94 -10.85 -9.52
N LYS E 103 -7.15 -10.30 -9.46
CA LYS E 103 -7.42 -8.84 -9.44
C LYS E 103 -8.58 -8.65 -8.44
N PRO E 104 -8.71 -7.51 -7.78
CA PRO E 104 -7.92 -6.32 -7.95
C PRO E 104 -6.85 -6.24 -6.88
N LYS E 105 -6.30 -5.04 -6.70
CA LYS E 105 -5.28 -4.81 -5.69
C LYS E 105 -5.94 -4.74 -4.31
N MET E 106 -5.60 -5.71 -3.47
CA MET E 106 -6.07 -5.75 -2.09
C MET E 106 -5.16 -4.94 -1.17
N LEU E 107 -3.91 -4.76 -1.56
CA LEU E 107 -2.89 -4.28 -0.62
C LEU E 107 -3.26 -3.00 0.11
N PRO E 108 -3.90 -2.02 -0.57
CA PRO E 108 -4.20 -0.79 0.16
C PRO E 108 -5.21 -0.97 1.29
N TYR E 109 -5.89 -2.12 1.35
CA TYR E 109 -7.02 -2.35 2.24
C TYR E 109 -6.75 -3.37 3.33
N ILE E 110 -5.58 -4.01 3.26
CA ILE E 110 -5.19 -5.07 4.18
C ILE E 110 -5.23 -4.57 5.63
N GLU E 111 -4.63 -3.42 5.90
CA GLU E 111 -4.53 -2.95 7.29
C GLU E 111 -5.91 -2.71 7.91
N ASP E 112 -6.86 -2.23 7.10
CA ASP E 112 -8.22 -2.04 7.57
C ASP E 112 -8.92 -3.38 7.83
N MET E 113 -8.59 -4.38 7.02
CA MET E 113 -9.19 -5.70 7.18
C MET E 113 -8.76 -6.30 8.49
N ARG E 114 -7.46 -6.17 8.76
CA ARG E 114 -6.89 -6.65 10.01
C ARG E 114 -7.63 -6.01 11.21
N LYS E 115 -7.77 -4.69 11.18
CA LYS E 115 -8.50 -3.99 12.24
C LYS E 115 -9.93 -4.49 12.44
N ARG E 116 -10.64 -4.73 11.35
CA ARG E 116 -12.01 -5.21 11.38
C ARG E 116 -12.12 -6.62 11.95
N ILE E 117 -11.24 -7.50 11.49
CA ILE E 117 -11.19 -8.85 12.00
C ILE E 117 -10.86 -8.84 13.47
N ALA E 118 -9.83 -8.09 13.84
CA ALA E 118 -9.42 -7.95 15.23
C ALA E 118 -10.55 -7.49 16.13
N GLU E 119 -11.32 -6.53 15.64
CA GLU E 119 -12.46 -6.01 16.36
C GLU E 119 -13.45 -7.14 16.49
N GLY E 120 -13.65 -7.92 15.44
CA GLY E 120 -14.63 -9.01 15.50
C GLY E 120 -14.30 -10.16 16.42
N LEU E 121 -12.99 -10.43 16.56
CA LEU E 121 -12.50 -11.48 17.44
C LEU E 121 -12.09 -10.91 18.81
N GLU E 122 -12.40 -9.65 19.10
CA GLU E 122 -12.04 -8.99 20.37
C GLU E 122 -10.58 -9.09 20.72
N ALA E 123 -9.71 -8.83 19.77
CA ALA E 123 -8.31 -9.12 19.92
C ALA E 123 -7.56 -7.89 19.51
N ASP E 124 -6.24 -7.90 19.68
CA ASP E 124 -5.35 -6.85 19.14
C ASP E 124 -5.01 -7.14 17.69
N VAL E 125 -4.83 -6.10 16.89
CA VAL E 125 -4.32 -6.23 15.55
C VAL E 125 -3.05 -7.09 15.38
N SER E 126 -2.17 -7.12 16.35
CA SER E 126 -0.94 -7.89 16.25
C SER E 126 -1.25 -9.42 16.29
N GLN E 127 -2.47 -9.80 16.66
CA GLN E 127 -2.86 -11.20 16.65
C GLN E 127 -3.41 -11.63 15.31
N VAL E 128 -3.54 -10.69 14.37
CA VAL E 128 -4.25 -10.98 13.14
C VAL E 128 -3.36 -10.74 11.96
N ASN E 129 -3.18 -11.74 11.11
CA ASN E 129 -2.41 -11.55 9.86
C ASN E 129 -3.27 -11.78 8.64
N VAL E 130 -3.21 -10.88 7.69
CA VAL E 130 -3.89 -11.04 6.42
C VAL E 130 -2.87 -10.80 5.31
N LYS E 131 -2.87 -11.67 4.34
CA LYS E 131 -2.08 -11.47 3.12
C LYS E 131 -2.90 -11.83 1.90
N ALA E 132 -2.47 -11.27 0.79
CA ALA E 132 -3.11 -11.43 -0.48
C ALA E 132 -2.11 -12.10 -1.41
N THR E 133 -2.58 -13.05 -2.21
CA THR E 133 -1.70 -13.64 -3.27
C THR E 133 -2.54 -14.01 -4.48
N THR E 134 -1.87 -14.38 -5.57
CA THR E 134 -2.52 -14.87 -6.80
C THR E 134 -2.10 -16.32 -7.10
N THR E 135 -2.80 -16.99 -8.01
CA THR E 135 -2.29 -18.26 -8.58
C THR E 135 -1.57 -18.08 -9.97
N GLU E 136 -1.07 -16.87 -10.25
CA GLU E 136 -0.30 -16.56 -11.48
C GLU E 136 -1.05 -16.93 -12.74
N LYS E 137 -2.34 -16.60 -12.77
CA LYS E 137 -3.22 -16.86 -13.93
C LYS E 137 -3.74 -18.31 -14.04
N LEU E 138 -3.29 -19.21 -13.15
CA LEU E 138 -3.66 -20.62 -13.25
C LEU E 138 -4.96 -20.89 -12.47
N GLY E 139 -5.75 -21.84 -12.98
CA GLY E 139 -7.00 -22.24 -12.33
C GLY E 139 -8.07 -21.14 -12.24
N PHE E 140 -9.14 -21.41 -11.48
CA PHE E 140 -10.35 -20.57 -11.52
C PHE E 140 -10.18 -19.18 -10.91
N THR E 141 -9.29 -19.05 -9.91
CA THR E 141 -8.97 -17.73 -9.37
C THR E 141 -8.11 -17.00 -10.39
N GLY E 142 -7.24 -17.76 -11.06
CA GLY E 142 -6.32 -17.22 -12.06
C GLY E 142 -6.95 -16.62 -13.30
N ARG E 143 -8.07 -17.20 -13.72
CA ARG E 143 -8.90 -16.68 -14.84
C ARG E 143 -10.04 -15.72 -14.35
N ALA E 144 -9.96 -15.25 -13.10
CA ALA E 144 -10.89 -14.25 -12.54
C ALA E 144 -12.34 -14.70 -12.47
N GLU E 145 -12.56 -16.00 -12.34
CA GLU E 145 -13.89 -16.54 -12.15
C GLU E 145 -14.38 -16.30 -10.72
N GLY E 146 -13.49 -15.93 -9.79
CA GLY E 146 -13.84 -15.99 -8.39
C GLY E 146 -12.68 -15.74 -7.46
N ILE E 147 -13.01 -15.53 -6.18
CA ILE E 147 -12.03 -15.21 -5.12
C ILE E 147 -12.16 -16.21 -3.99
N ALA E 148 -11.01 -16.76 -3.60
CA ALA E 148 -10.89 -17.72 -2.53
C ALA E 148 -10.17 -17.09 -1.34
N ALA E 149 -10.45 -17.66 -0.19
CA ALA E 149 -9.76 -17.30 1.01
C ALA E 149 -9.56 -18.53 1.88
N GLN E 150 -8.49 -18.49 2.67
CA GLN E 150 -8.19 -19.55 3.66
C GLN E 150 -7.79 -18.87 4.96
N ALA E 151 -8.15 -19.46 6.07
CA ALA E 151 -7.75 -18.96 7.35
C ALA E 151 -7.44 -20.11 8.27
N THR E 152 -6.41 -19.91 9.09
CA THR E 152 -6.04 -20.84 10.12
C THR E 152 -6.02 -20.06 11.42
N VAL E 153 -6.75 -20.57 12.43
CA VAL E 153 -6.88 -19.86 13.70
C VAL E 153 -6.39 -20.75 14.82
N LEU E 154 -5.66 -20.16 15.77
CA LEU E 154 -5.34 -20.81 16.98
C LEU E 154 -6.01 -20.07 18.13
N ILE E 155 -6.79 -20.79 18.90
CA ILE E 155 -7.54 -20.20 20.03
C ILE E 155 -7.00 -20.85 21.27
N GLN E 156 -7.16 -20.13 22.38
CA GLN E 156 -6.69 -20.62 23.71
C GLN E 156 -7.66 -20.31 24.79
N LYS E 157 -7.60 -21.10 25.86
CA LYS E 157 -8.45 -20.89 27.03
C LYS E 157 -8.20 -19.53 27.63
N GLY E 158 -9.25 -18.78 27.95
CA GLY E 158 -9.04 -17.43 28.52
C GLY E 158 -10.22 -16.54 28.91
N MET F 1 4.00 -29.52 25.08
CA MET F 1 4.13 -29.45 23.65
C MET F 1 2.76 -29.77 22.98
N PHE F 2 2.57 -29.01 21.94
CA PHE F 2 1.55 -29.19 20.96
C PHE F 2 2.37 -29.34 19.68
N ARG F 3 1.81 -30.03 18.69
CA ARG F 3 2.39 -30.06 17.35
C ARG F 3 1.21 -29.97 16.35
N ILE F 4 1.47 -29.36 15.21
CA ILE F 4 0.46 -29.15 14.20
C ILE F 4 0.77 -30.05 12.99
N GLY F 5 -0.29 -30.47 12.29
CA GLY F 5 -0.15 -31.23 11.10
C GLY F 5 -1.23 -30.82 10.13
N GLN F 6 -0.98 -31.03 8.83
CA GLN F 6 -1.93 -30.64 7.79
C GLN F 6 -1.94 -31.67 6.68
N GLY F 7 -3.14 -32.05 6.25
CA GLY F 7 -3.29 -33.05 5.19
C GLY F 7 -4.10 -32.49 4.05
N PHE F 8 -3.84 -33.00 2.87
CA PHE F 8 -4.59 -32.62 1.68
C PHE F 8 -4.61 -33.81 0.74
N ASP F 9 -5.77 -34.10 0.17
CA ASP F 9 -5.89 -35.19 -0.78
C ASP F 9 -6.98 -34.94 -1.81
N VAL F 10 -6.82 -35.56 -2.98
CA VAL F 10 -7.80 -35.47 -4.07
C VAL F 10 -7.92 -36.84 -4.72
N HIS F 11 -9.15 -37.33 -4.90
CA HIS F 11 -9.38 -38.55 -5.66
C HIS F 11 -10.35 -38.26 -6.80
N GLN F 12 -10.15 -38.97 -7.90
CA GLN F 12 -11.05 -38.87 -9.06
C GLN F 12 -12.32 -39.61 -8.79
N LEU F 13 -13.44 -38.96 -9.13
CA LEU F 13 -14.75 -39.59 -9.10
C LEU F 13 -14.96 -40.43 -10.38
N VAL F 14 -15.37 -41.68 -10.24
CA VAL F 14 -15.51 -42.63 -11.37
C VAL F 14 -16.77 -43.49 -11.19
N GLU F 15 -17.42 -43.86 -12.29
CA GLU F 15 -18.61 -44.73 -12.24
C GLU F 15 -18.31 -46.14 -11.72
N GLY F 16 -19.22 -46.69 -10.93
CA GLY F 16 -19.16 -48.10 -10.51
C GLY F 16 -18.13 -48.50 -9.45
N ARG F 17 -17.62 -47.50 -8.72
CA ARG F 17 -16.68 -47.73 -7.63
C ARG F 17 -17.39 -47.27 -6.32
N PRO F 18 -16.95 -47.79 -5.16
CA PRO F 18 -17.55 -47.28 -3.93
C PRO F 18 -17.06 -45.86 -3.56
N LEU F 19 -18.00 -45.07 -3.01
CA LEU F 19 -17.71 -43.81 -2.35
C LEU F 19 -17.74 -44.05 -0.84
N ILE F 20 -16.55 -44.06 -0.24
CA ILE F 20 -16.36 -44.14 1.19
C ILE F 20 -15.62 -42.86 1.66
N ILE F 21 -16.27 -42.06 2.51
CA ILE F 21 -15.72 -40.79 3.03
C ILE F 21 -15.78 -40.80 4.53
N GLY F 22 -14.64 -40.62 5.18
CA GLY F 22 -14.52 -40.57 6.64
C GLY F 22 -14.93 -41.88 7.28
N GLY F 23 -14.67 -42.98 6.58
CA GLY F 23 -15.05 -44.31 7.03
C GLY F 23 -16.53 -44.66 6.88
N ILE F 24 -17.30 -43.83 6.17
CA ILE F 24 -18.74 -44.01 5.94
C ILE F 24 -18.98 -44.27 4.45
N GLU F 25 -19.56 -45.44 4.14
CA GLU F 25 -20.05 -45.73 2.78
C GLU F 25 -21.26 -44.85 2.49
N ILE F 26 -21.15 -44.02 1.46
CA ILE F 26 -22.26 -43.23 0.96
C ILE F 26 -22.79 -43.99 -0.28
N PRO F 27 -24.10 -44.35 -0.32
CA PRO F 27 -24.64 -44.80 -1.62
C PRO F 27 -24.65 -43.63 -2.61
N TYR F 28 -24.13 -43.89 -3.80
CA TYR F 28 -23.93 -42.90 -4.85
C TYR F 28 -23.58 -43.70 -6.10
N GLU F 29 -23.94 -43.17 -7.27
CA GLU F 29 -23.70 -43.91 -8.52
C GLU F 29 -22.21 -43.96 -8.88
N LYS F 30 -21.44 -42.98 -8.37
CA LYS F 30 -19.99 -42.94 -8.49
C LYS F 30 -19.27 -43.26 -7.18
N GLY F 31 -17.97 -43.49 -7.32
CA GLY F 31 -17.04 -43.63 -6.19
C GLY F 31 -15.71 -43.01 -6.56
N LEU F 32 -14.70 -43.29 -5.73
CA LEU F 32 -13.38 -42.68 -5.90
C LEU F 32 -12.30 -43.70 -6.28
N LEU F 33 -11.23 -43.23 -6.95
CA LEU F 33 -10.02 -44.02 -7.20
C LEU F 33 -8.89 -43.56 -6.29
N GLY F 34 -8.09 -44.52 -5.82
CA GLY F 34 -6.92 -44.22 -5.02
C GLY F 34 -6.33 -45.40 -4.26
N HIS F 35 -5.45 -45.07 -3.32
CA HIS F 35 -4.91 -46.05 -2.38
C HIS F 35 -6.06 -46.71 -1.56
N SER F 36 -5.92 -48.00 -1.23
CA SER F 36 -6.92 -48.74 -0.42
C SER F 36 -8.36 -48.59 -0.96
N ASP F 37 -9.35 -48.40 -0.06
CA ASP F 37 -10.74 -48.04 -0.43
C ASP F 37 -10.96 -46.59 -0.93
N ALA F 38 -9.87 -45.86 -1.15
CA ALA F 38 -9.94 -44.53 -1.76
C ALA F 38 -10.68 -43.45 -0.93
N ASP F 39 -10.58 -43.58 0.41
CA ASP F 39 -11.31 -42.70 1.32
C ASP F 39 -10.52 -41.41 1.48
N VAL F 40 -10.91 -40.42 0.69
CA VAL F 40 -10.17 -39.17 0.60
C VAL F 40 -10.04 -38.47 1.97
N LEU F 41 -11.06 -38.53 2.82
CA LEU F 41 -11.03 -37.85 4.09
C LEU F 41 -10.11 -38.55 5.09
N LEU F 42 -10.21 -39.88 5.22
CA LEU F 42 -9.36 -40.61 6.15
C LEU F 42 -7.93 -40.61 5.76
N HIS F 43 -7.66 -40.53 4.45
CA HIS F 43 -6.28 -40.37 3.98
C HIS F 43 -5.71 -39.01 4.41
N THR F 44 -6.54 -37.98 4.32
CA THR F 44 -6.21 -36.62 4.74
C THR F 44 -5.93 -36.54 6.26
N VAL F 45 -6.78 -37.18 7.04
CA VAL F 45 -6.60 -37.24 8.48
C VAL F 45 -5.28 -37.92 8.81
N ALA F 46 -5.05 -39.09 8.18
CA ALA F 46 -3.84 -39.89 8.44
C ALA F 46 -2.58 -39.13 8.13
N ASP F 47 -2.58 -38.46 7.00
CA ASP F 47 -1.42 -37.66 6.57
C ASP F 47 -1.21 -36.42 7.48
N ALA F 48 -2.28 -35.77 7.93
CA ALA F 48 -2.10 -34.70 8.89
C ALA F 48 -1.44 -35.22 10.19
N CYS F 49 -1.89 -36.39 10.68
CA CYS F 49 -1.33 -36.98 11.90
C CYS F 49 0.15 -37.31 11.80
N LEU F 50 0.50 -37.98 10.69
CA LEU F 50 1.91 -38.30 10.42
C LEU F 50 2.75 -37.05 10.24
N GLY F 51 2.19 -36.03 9.58
CA GLY F 51 2.89 -34.80 9.39
C GLY F 51 3.19 -34.10 10.69
N ALA F 52 2.23 -34.15 11.62
CA ALA F 52 2.38 -33.58 12.93
C ALA F 52 3.57 -34.13 13.70
N VAL F 53 3.88 -35.42 13.53
CA VAL F 53 4.99 -36.00 14.25
C VAL F 53 6.24 -36.14 13.42
N GLY F 54 6.28 -35.57 12.24
CA GLY F 54 7.46 -35.62 11.40
C GLY F 54 7.70 -36.99 10.79
N GLU F 55 6.65 -37.74 10.49
CA GLU F 55 6.78 -39.12 9.99
C GLU F 55 6.32 -39.32 8.55
N GLY F 56 6.38 -38.26 7.76
CA GLY F 56 6.23 -38.35 6.34
C GLY F 56 4.77 -38.36 5.90
N ASP F 57 4.34 -39.45 5.30
CA ASP F 57 2.93 -39.61 4.85
C ASP F 57 2.66 -41.10 4.81
N ILE F 58 1.46 -41.48 4.37
CA ILE F 58 1.03 -42.88 4.51
C ILE F 58 1.89 -43.82 3.68
N GLY F 59 2.23 -43.40 2.46
CA GLY F 59 3.08 -44.17 1.54
C GLY F 59 4.36 -44.72 2.15
N LYS F 60 4.95 -43.95 3.06
CA LYS F 60 6.20 -44.28 3.67
C LYS F 60 6.06 -45.36 4.75
N HIS F 61 4.88 -45.59 5.26
CA HIS F 61 4.67 -46.56 6.34
C HIS F 61 3.83 -47.80 5.98
N PHE F 62 2.85 -47.66 5.10
CA PHE F 62 1.87 -48.74 4.90
C PHE F 62 1.62 -49.00 3.45
N PRO F 63 2.68 -49.32 2.71
CA PRO F 63 2.52 -49.52 1.27
C PRO F 63 1.93 -50.91 0.97
N ASP F 64 1.40 -51.08 -0.24
CA ASP F 64 0.69 -52.32 -0.67
C ASP F 64 1.50 -53.61 -0.71
N THR F 65 2.81 -53.48 -0.87
CA THR F 65 3.71 -54.64 -0.95
C THR F 65 3.77 -55.40 0.36
N ASP F 66 3.50 -54.67 1.44
CA ASP F 66 3.49 -55.25 2.75
C ASP F 66 2.26 -56.15 2.90
N PRO F 67 2.48 -57.45 3.16
CA PRO F 67 1.33 -58.33 3.33
C PRO F 67 0.39 -57.96 4.50
N GLU F 68 0.90 -57.22 5.50
CA GLU F 68 0.04 -56.78 6.58
C GLU F 68 -1.02 -55.80 6.10
N PHE F 69 -0.69 -54.96 5.12
CA PHE F 69 -1.57 -53.86 4.67
C PHE F 69 -2.04 -53.97 3.22
N LYS F 70 -1.76 -55.10 2.56
CA LYS F 70 -2.22 -55.38 1.18
C LYS F 70 -3.71 -55.02 0.97
N ASP F 71 -4.57 -55.50 1.86
CA ASP F 71 -6.02 -55.28 1.76
C ASP F 71 -6.60 -54.42 2.90
N ALA F 72 -5.76 -53.67 3.61
CA ALA F 72 -6.21 -52.84 4.74
C ALA F 72 -7.11 -51.71 4.24
N ASP F 73 -8.18 -51.43 4.97
CA ASP F 73 -9.02 -50.30 4.63
C ASP F 73 -8.45 -49.00 5.27
N SER F 74 -8.99 -47.87 4.90
CA SER F 74 -8.40 -46.61 5.36
C SER F 74 -8.53 -46.38 6.88
N PHE F 75 -9.58 -46.91 7.48
CA PHE F 75 -9.72 -46.86 8.94
C PHE F 75 -8.63 -47.66 9.64
N LYS F 76 -8.30 -48.84 9.12
CA LYS F 76 -7.16 -49.59 9.66
C LYS F 76 -5.82 -48.82 9.59
N LEU F 77 -5.56 -48.28 8.42
CA LEU F 77 -4.36 -47.45 8.25
C LEU F 77 -4.37 -46.30 9.24
N LEU F 78 -5.51 -45.66 9.44
CA LEU F 78 -5.55 -44.55 10.42
C LEU F 78 -5.20 -45.01 11.84
N GLN F 79 -5.74 -46.15 12.24
CA GLN F 79 -5.36 -46.81 13.51
C GLN F 79 -3.88 -47.07 13.67
N HIS F 80 -3.24 -47.56 12.63
CA HIS F 80 -1.80 -47.73 12.59
C HIS F 80 -1.02 -46.40 12.64
N VAL F 81 -1.45 -45.42 11.86
CA VAL F 81 -0.91 -44.05 12.01
C VAL F 81 -1.01 -43.54 13.43
N TRP F 82 -2.19 -43.65 14.01
CA TRP F 82 -2.36 -43.21 15.38
C TRP F 82 -1.48 -43.93 16.38
N GLY F 83 -1.11 -45.18 16.08
CA GLY F 83 -0.09 -45.87 16.91
C GLY F 83 1.26 -45.21 16.88
N ILE F 84 1.63 -44.68 15.72
CA ILE F 84 2.85 -43.88 15.57
C ILE F 84 2.77 -42.62 16.42
N VAL F 85 1.66 -41.91 16.36
CA VAL F 85 1.50 -40.72 17.18
C VAL F 85 1.61 -41.04 18.68
N LYS F 86 0.87 -42.05 19.11
CA LYS F 86 0.85 -42.45 20.53
C LYS F 86 2.23 -42.82 21.08
N GLN F 87 2.98 -43.60 20.30
CA GLN F 87 4.35 -43.94 20.65
C GLN F 87 5.21 -42.70 20.88
N LYS F 88 4.98 -41.61 20.14
CA LYS F 88 5.77 -40.39 20.38
C LYS F 88 5.30 -39.63 21.63
N GLY F 89 4.26 -40.11 22.31
CA GLY F 89 3.76 -39.50 23.57
C GLY F 89 2.63 -38.48 23.41
N TYR F 90 1.93 -38.55 22.30
CA TYR F 90 0.92 -37.56 21.96
C TYR F 90 -0.48 -38.11 21.98
N VAL F 91 -1.46 -37.26 22.26
CA VAL F 91 -2.86 -37.60 22.10
C VAL F 91 -3.48 -36.46 21.25
N LEU F 92 -4.74 -36.63 20.84
CA LEU F 92 -5.44 -35.59 20.08
C LEU F 92 -5.69 -34.34 20.93
N GLY F 93 -5.40 -33.16 20.36
CA GLY F 93 -5.88 -31.90 20.90
C GLY F 93 -7.21 -31.74 20.22
N ASN F 94 -7.18 -31.39 18.93
CA ASN F 94 -8.39 -31.39 18.11
C ASN F 94 -8.06 -31.46 16.66
N ILE F 95 -9.09 -31.69 15.84
CA ILE F 95 -8.89 -31.80 14.40
C ILE F 95 -10.06 -31.09 13.70
N ASP F 96 -9.75 -30.38 12.60
CA ASP F 96 -10.78 -29.74 11.83
C ASP F 96 -10.60 -30.10 10.38
N CYS F 97 -11.65 -30.58 9.73
CA CYS F 97 -11.55 -31.18 8.38
C CYS F 97 -12.58 -30.58 7.47
N THR F 98 -12.23 -30.53 6.17
CA THR F 98 -13.13 -29.97 5.16
C THR F 98 -13.19 -30.96 3.98
N ILE F 99 -14.41 -31.32 3.56
CA ILE F 99 -14.64 -32.11 2.33
C ILE F 99 -15.05 -31.11 1.26
N ILE F 100 -14.39 -31.15 0.11
CA ILE F 100 -14.73 -30.21 -0.99
C ILE F 100 -15.27 -31.07 -2.12
N ALA F 101 -16.59 -31.01 -2.29
CA ALA F 101 -17.28 -31.68 -3.39
C ALA F 101 -18.54 -30.89 -3.82
N GLN F 102 -18.92 -31.02 -5.08
CA GLN F 102 -20.16 -30.39 -5.57
C GLN F 102 -21.33 -31.28 -5.17
N LYS F 103 -21.16 -32.58 -5.41
CA LYS F 103 -22.12 -33.61 -5.02
C LYS F 103 -21.40 -34.90 -4.55
N PRO F 104 -22.07 -35.79 -3.80
CA PRO F 104 -23.42 -35.60 -3.28
C PRO F 104 -23.41 -34.74 -2.05
N LYS F 105 -24.59 -34.35 -1.62
CA LYS F 105 -24.74 -33.57 -0.41
C LYS F 105 -24.25 -34.42 0.77
N MET F 106 -23.31 -33.90 1.56
CA MET F 106 -22.65 -34.72 2.58
C MET F 106 -23.37 -34.72 3.92
N LEU F 107 -24.28 -33.76 4.11
CA LEU F 107 -24.87 -33.46 5.41
C LEU F 107 -25.38 -34.65 6.19
N PRO F 108 -26.20 -35.51 5.54
CA PRO F 108 -26.70 -36.67 6.27
C PRO F 108 -25.60 -37.51 6.92
N TYR F 109 -24.41 -37.57 6.34
CA TYR F 109 -23.34 -38.43 6.90
C TYR F 109 -22.30 -37.77 7.78
N ILE F 110 -22.33 -36.44 7.92
CA ILE F 110 -21.29 -35.68 8.64
C ILE F 110 -21.07 -36.26 10.04
N GLU F 111 -22.17 -36.37 10.81
CA GLU F 111 -22.10 -36.86 12.20
C GLU F 111 -21.52 -38.25 12.37
N ASP F 112 -21.82 -39.13 11.43
CA ASP F 112 -21.19 -40.49 11.42
C ASP F 112 -19.68 -40.44 11.15
N MET F 113 -19.30 -39.55 10.23
CA MET F 113 -17.87 -39.36 9.96
C MET F 113 -17.12 -38.89 11.21
N ARG F 114 -17.69 -37.90 11.90
CA ARG F 114 -17.14 -37.38 13.14
C ARG F 114 -16.87 -38.50 14.13
N LYS F 115 -17.86 -39.37 14.33
CA LYS F 115 -17.76 -40.51 15.23
C LYS F 115 -16.65 -41.47 14.84
N ARG F 116 -16.56 -41.76 13.56
CA ARG F 116 -15.58 -42.73 13.06
C ARG F 116 -14.14 -42.16 13.22
N ILE F 117 -14.00 -40.88 12.93
CA ILE F 117 -12.72 -40.21 13.10
C ILE F 117 -12.35 -40.17 14.57
N ALA F 118 -13.31 -39.79 15.44
CA ALA F 118 -13.06 -39.78 16.88
C ALA F 118 -12.62 -41.16 17.45
N GLU F 119 -13.23 -42.22 16.94
CA GLU F 119 -12.84 -43.58 17.36
C GLU F 119 -11.43 -43.89 16.87
N GLY F 120 -11.10 -43.52 15.64
CA GLY F 120 -9.75 -43.75 15.10
C GLY F 120 -8.64 -42.99 15.84
N LEU F 121 -8.96 -41.80 16.36
CA LEU F 121 -8.01 -40.98 17.10
C LEU F 121 -8.19 -41.11 18.63
N GLU F 122 -8.97 -42.10 19.07
CA GLU F 122 -9.25 -42.41 20.50
C GLU F 122 -9.65 -41.17 21.27
N ALA F 123 -10.58 -40.43 20.70
CA ALA F 123 -10.89 -39.11 21.20
C ALA F 123 -12.39 -38.97 21.34
N ASP F 124 -12.82 -37.85 21.88
CA ASP F 124 -14.22 -37.46 21.93
C ASP F 124 -14.66 -36.80 20.62
N VAL F 125 -15.89 -37.04 20.23
CA VAL F 125 -16.51 -36.38 19.10
C VAL F 125 -16.35 -34.85 19.12
N SER F 126 -16.40 -34.29 20.32
CA SER F 126 -16.27 -32.87 20.51
C SER F 126 -14.90 -32.31 20.07
N GLN F 127 -13.89 -33.18 19.98
CA GLN F 127 -12.58 -32.84 19.46
C GLN F 127 -12.42 -32.91 17.91
N VAL F 128 -13.46 -33.32 17.18
CA VAL F 128 -13.41 -33.58 15.77
C VAL F 128 -14.46 -32.74 15.10
N ASN F 129 -14.05 -31.91 14.15
CA ASN F 129 -14.95 -31.16 13.32
C ASN F 129 -14.79 -31.57 11.86
N VAL F 130 -15.92 -31.75 11.21
CA VAL F 130 -15.96 -32.07 9.79
C VAL F 130 -16.98 -31.16 9.15
N LYS F 131 -16.58 -30.52 8.07
CA LYS F 131 -17.50 -29.70 7.33
C LYS F 131 -17.38 -30.00 5.84
N ALA F 132 -18.43 -29.65 5.10
CA ALA F 132 -18.49 -29.94 3.63
C ALA F 132 -18.78 -28.66 2.94
N THR F 133 -18.14 -28.44 1.81
CA THR F 133 -18.43 -27.21 1.11
C THR F 133 -18.27 -27.44 -0.36
N THR F 134 -18.59 -26.43 -1.14
CA THR F 134 -18.38 -26.49 -2.59
C THR F 134 -17.50 -25.36 -3.04
N THR F 135 -17.01 -25.53 -4.24
CA THR F 135 -16.35 -24.48 -4.96
C THR F 135 -17.33 -23.69 -5.86
N GLU F 136 -18.64 -23.79 -5.59
CA GLU F 136 -19.67 -23.13 -6.39
C GLU F 136 -19.51 -23.41 -7.91
N LYS F 137 -19.31 -24.68 -8.27
CA LYS F 137 -19.18 -25.12 -9.70
C LYS F 137 -17.82 -24.78 -10.38
N LEU F 138 -16.89 -24.19 -9.64
CA LEU F 138 -15.59 -23.78 -10.18
C LEU F 138 -14.52 -24.85 -9.87
N GLY F 139 -13.54 -24.96 -10.76
CA GLY F 139 -12.45 -25.91 -10.58
C GLY F 139 -12.90 -27.33 -10.82
N PHE F 140 -11.96 -28.25 -10.77
CA PHE F 140 -12.24 -29.69 -11.01
C PHE F 140 -13.30 -30.29 -10.07
N THR F 141 -13.31 -29.83 -8.82
CA THR F 141 -14.34 -30.22 -7.83
C THR F 141 -15.68 -29.60 -8.21
N GLY F 142 -15.63 -28.39 -8.77
CA GLY F 142 -16.84 -27.75 -9.30
C GLY F 142 -17.55 -28.47 -10.45
N ARG F 143 -16.77 -29.13 -11.32
CA ARG F 143 -17.29 -29.88 -12.46
C ARG F 143 -17.49 -31.36 -12.13
N ALA F 144 -17.32 -31.73 -10.86
CA ALA F 144 -17.54 -33.09 -10.42
C ALA F 144 -16.53 -34.08 -11.01
N GLU F 145 -15.33 -33.60 -11.34
CA GLU F 145 -14.23 -34.48 -11.74
C GLU F 145 -13.65 -35.31 -10.55
N GLY F 146 -13.80 -34.80 -9.32
CA GLY F 146 -13.26 -35.46 -8.15
C GLY F 146 -13.59 -34.74 -6.86
N ILE F 147 -13.10 -35.30 -5.77
CA ILE F 147 -13.42 -34.90 -4.40
C ILE F 147 -12.10 -34.66 -3.72
N ALA F 148 -12.00 -33.51 -3.05
CA ALA F 148 -10.82 -33.15 -2.30
C ALA F 148 -11.15 -33.09 -0.80
N ALA F 149 -10.13 -33.21 0.05
CA ALA F 149 -10.28 -32.95 1.47
C ALA F 149 -9.04 -32.35 2.06
N GLN F 150 -9.23 -31.61 3.15
CA GLN F 150 -8.11 -31.03 3.91
C GLN F 150 -8.38 -31.22 5.39
N ALA F 151 -7.34 -31.42 6.18
CA ALA F 151 -7.47 -31.58 7.61
C ALA F 151 -6.32 -30.87 8.26
N THR F 152 -6.62 -30.24 9.38
CA THR F 152 -5.61 -29.63 10.21
C THR F 152 -5.76 -30.20 11.59
N VAL F 153 -4.66 -30.67 12.18
CA VAL F 153 -4.72 -31.37 13.47
C VAL F 153 -3.75 -30.71 14.40
N LEU F 154 -4.15 -30.57 15.67
CA LEU F 154 -3.29 -30.17 16.78
C LEU F 154 -3.26 -31.32 17.73
N ILE F 155 -2.06 -31.83 17.97
CA ILE F 155 -1.82 -32.92 18.91
C ILE F 155 -1.16 -32.34 20.15
N GLN F 156 -1.33 -33.00 21.29
CA GLN F 156 -0.76 -32.55 22.56
C GLN F 156 -0.11 -33.69 23.34
N LYS F 157 0.94 -33.41 24.11
CA LYS F 157 1.54 -34.40 24.97
C LYS F 157 0.44 -34.98 25.85
N GLY F 158 0.34 -36.29 25.95
CA GLY F 158 -0.68 -36.83 26.85
C GLY F 158 -0.62 -38.32 27.00
#